data_3NRG
#
_entry.id   3NRG
#
_cell.length_a   204.933
_cell.length_b   204.933
_cell.length_c   57.218
_cell.angle_alpha   90.000
_cell.angle_beta   90.000
_cell.angle_gamma   90.000
#
_symmetry.space_group_name_H-M   'I 41'
#
loop_
_entity.id
_entity.type
_entity.pdbx_description
1 polymer 'TetR family transcriptional regulator'
2 non-polymer 'CHLORIDE ION'
3 water water
#
_entity_poly.entity_id   1
_entity_poly.type   'polypeptide(L)'
_entity_poly.pdbx_seq_one_letter_code
;G(MSE)PTETFFNLPEEKRSRLIDVLLDEFAQNDYDSVSINRITERAGIAKGSFYQYFADKKDCYLYLIQLGIEQKTAFL
RQTPPASTTD(MSE)FAYLRWLLDVGIQFQFHNPRLAQIAYKALYDDVPLPAET(MSE)QVIRHGSFAYFKQLVEQGIAD
GSLVPDLDADTAAFVLNVVFTELGNHLIERFAVNPAELLREGGIVLLQPA(MSE)RRVIEQVIDILERG(MSE)RRR
;
_entity_poly.pdbx_strand_id   A,B,C,D,E
#
loop_
_chem_comp.id
_chem_comp.type
_chem_comp.name
_chem_comp.formula
CL non-polymer 'CHLORIDE ION' 'Cl -1'
#
# COMPACT_ATOMS: atom_id res chain seq x y z
N GLY A 1 -30.20 -31.82 12.49
CA GLY A 1 -30.02 -32.64 11.31
C GLY A 1 -29.54 -31.88 10.09
N MSE A 2 -29.09 -32.60 9.05
CA MSE A 2 -28.57 -32.02 7.81
C MSE A 2 -29.68 -31.95 6.75
O MSE A 2 -30.59 -32.81 6.77
CB MSE A 2 -27.38 -32.85 7.27
CG MSE A 2 -26.10 -32.70 8.08
SE MSE A 2 -25.32 -30.89 7.97
CE MSE A 2 -24.90 -30.86 6.01
N PRO A 3 -29.61 -31.02 5.74
CA PRO A 3 -30.61 -31.04 4.67
C PRO A 3 -30.56 -32.34 3.87
N THR A 4 -31.71 -32.80 3.34
CA THR A 4 -31.77 -34.07 2.61
C THR A 4 -30.93 -34.04 1.34
N GLU A 5 -30.56 -35.23 0.83
CA GLU A 5 -29.82 -35.36 -0.42
C GLU A 5 -30.69 -34.95 -1.61
N THR A 6 -32.03 -34.98 -1.44
CA THR A 6 -33.00 -34.54 -2.45
C THR A 6 -32.84 -33.03 -2.70
N PHE A 7 -32.61 -32.26 -1.60
CA PHE A 7 -32.37 -30.81 -1.66
C PHE A 7 -31.07 -30.52 -2.38
N PHE A 8 -29.99 -31.26 -2.03
CA PHE A 8 -28.68 -31.07 -2.64
C PHE A 8 -28.61 -31.54 -4.09
N ASN A 9 -29.45 -32.54 -4.46
CA ASN A 9 -29.48 -33.07 -5.83
C ASN A 9 -30.44 -32.30 -6.75
N LEU A 10 -31.01 -31.17 -6.27
CA LEU A 10 -31.88 -30.32 -7.06
C LEU A 10 -31.07 -29.61 -8.16
N PRO A 11 -31.67 -29.31 -9.35
CA PRO A 11 -30.94 -28.50 -10.34
C PRO A 11 -30.63 -27.12 -9.77
N GLU A 12 -29.41 -26.59 -10.06
CA GLU A 12 -28.91 -25.32 -9.52
C GLU A 12 -29.95 -24.16 -9.58
N GLU A 13 -30.68 -24.02 -10.71
CA GLU A 13 -31.69 -22.96 -10.88
C GLU A 13 -32.86 -23.11 -9.87
N LYS A 14 -33.32 -24.34 -9.63
CA LYS A 14 -34.42 -24.62 -8.70
C LYS A 14 -33.99 -24.44 -7.23
N ARG A 15 -32.80 -24.95 -6.86
CA ARG A 15 -32.27 -24.82 -5.50
C ARG A 15 -31.97 -23.36 -5.14
N SER A 16 -31.40 -22.57 -6.09
CA SER A 16 -31.09 -21.14 -5.87
C SER A 16 -32.36 -20.31 -5.65
N ARG A 17 -33.45 -20.65 -6.38
CA ARG A 17 -34.74 -19.99 -6.25
C ARG A 17 -35.36 -20.26 -4.87
N LEU A 18 -35.18 -21.51 -4.35
CA LEU A 18 -35.68 -21.93 -3.04
C LEU A 18 -34.89 -21.22 -1.91
N ILE A 19 -33.54 -21.19 -2.01
CA ILE A 19 -32.68 -20.52 -1.02
C ILE A 19 -33.05 -19.03 -0.90
N ASP A 20 -33.30 -18.34 -2.06
CA ASP A 20 -33.70 -16.93 -2.11
CA ASP A 20 -33.68 -16.94 -2.04
C ASP A 20 -35.02 -16.72 -1.32
N VAL A 21 -35.98 -17.66 -1.46
CA VAL A 21 -37.27 -17.61 -0.77
C VAL A 21 -37.07 -17.86 0.74
N LEU A 22 -36.23 -18.86 1.09
CA LEU A 22 -35.90 -19.20 2.48
C LEU A 22 -35.20 -18.03 3.19
N LEU A 23 -34.29 -17.33 2.49
CA LEU A 23 -33.58 -16.19 3.05
C LEU A 23 -34.55 -15.04 3.37
N ASP A 24 -35.43 -14.69 2.42
CA ASP A 24 -36.44 -13.65 2.62
C ASP A 24 -37.36 -13.96 3.80
N GLU A 25 -37.90 -15.20 3.85
CA GLU A 25 -38.82 -15.63 4.91
C GLU A 25 -38.19 -15.59 6.32
N PHE A 26 -36.95 -16.10 6.46
CA PHE A 26 -36.27 -16.12 7.76
C PHE A 26 -35.70 -14.75 8.19
N ALA A 27 -35.47 -13.84 7.23
CA ALA A 27 -34.96 -12.50 7.55
C ALA A 27 -36.10 -11.51 7.85
N GLN A 28 -37.24 -11.65 7.13
CA GLN A 28 -38.41 -10.77 7.28
C GLN A 28 -39.31 -11.15 8.46
N ASN A 29 -39.16 -12.39 8.99
CA ASN A 29 -40.02 -12.88 10.06
C ASN A 29 -39.22 -13.54 11.20
N ASP A 30 -39.79 -13.53 12.42
CA ASP A 30 -39.22 -14.20 13.59
CA ASP A 30 -39.19 -14.20 13.57
C ASP A 30 -39.36 -15.71 13.41
N TYR A 31 -38.44 -16.51 14.00
CA TYR A 31 -38.47 -17.98 13.88
C TYR A 31 -39.88 -18.59 14.07
N ASP A 32 -40.61 -18.17 15.13
CA ASP A 32 -41.96 -18.69 15.44
C ASP A 32 -43.02 -18.21 14.43
N SER A 33 -42.76 -17.08 13.74
CA SER A 33 -43.68 -16.49 12.76
C SER A 33 -43.40 -16.98 11.31
N VAL A 34 -42.37 -17.84 11.12
CA VAL A 34 -42.00 -18.39 9.81
C VAL A 34 -43.09 -19.37 9.33
N SER A 35 -43.60 -19.15 8.09
CA SER A 35 -44.66 -19.98 7.50
C SER A 35 -44.11 -20.89 6.40
N ILE A 36 -44.24 -22.22 6.60
CA ILE A 36 -43.80 -23.25 5.63
C ILE A 36 -44.63 -23.17 4.34
N ASN A 37 -45.95 -22.90 4.47
CA ASN A 37 -46.84 -22.77 3.31
C ASN A 37 -46.54 -21.53 2.48
N ARG A 38 -46.08 -20.44 3.14
CA ARG A 38 -45.67 -19.21 2.45
C ARG A 38 -44.39 -19.47 1.63
N ILE A 39 -43.50 -20.35 2.15
CA ILE A 39 -42.28 -20.75 1.47
C ILE A 39 -42.60 -21.50 0.18
N THR A 40 -43.46 -22.56 0.28
CA THR A 40 -43.84 -23.37 -0.88
C THR A 40 -44.62 -22.57 -1.93
N GLU A 41 -45.45 -21.61 -1.48
CA GLU A 41 -46.23 -20.74 -2.37
C GLU A 41 -45.31 -19.77 -3.16
N ARG A 42 -44.37 -19.09 -2.45
CA ARG A 42 -43.43 -18.15 -3.07
C ARG A 42 -42.36 -18.87 -3.92
N ALA A 43 -41.96 -20.09 -3.51
CA ALA A 43 -40.96 -20.87 -4.24
C ALA A 43 -41.55 -21.53 -5.48
N GLY A 44 -42.88 -21.57 -5.56
CA GLY A 44 -43.59 -22.17 -6.67
C GLY A 44 -43.43 -23.68 -6.70
N ILE A 45 -43.54 -24.31 -5.52
CA ILE A 45 -43.43 -25.77 -5.39
C ILE A 45 -44.70 -26.37 -4.77
N ALA A 46 -44.83 -27.71 -4.78
CA ALA A 46 -46.01 -28.41 -4.25
C ALA A 46 -46.20 -28.17 -2.77
N LYS A 47 -47.46 -28.17 -2.30
CA LYS A 47 -47.78 -28.00 -0.89
C LYS A 47 -47.37 -29.27 -0.13
N GLY A 48 -46.59 -29.10 0.93
CA GLY A 48 -46.08 -30.20 1.76
C GLY A 48 -44.73 -30.74 1.30
N SER A 49 -44.18 -30.18 0.19
CA SER A 49 -42.93 -30.64 -0.41
C SER A 49 -41.67 -30.12 0.32
N PHE A 50 -41.85 -29.16 1.26
CA PHE A 50 -40.74 -28.61 2.06
C PHE A 50 -40.01 -29.71 2.85
N TYR A 51 -40.76 -30.69 3.35
CA TYR A 51 -40.22 -31.78 4.17
C TYR A 51 -39.44 -32.82 3.38
N GLN A 52 -39.41 -32.68 2.04
CA GLN A 52 -38.60 -33.52 1.16
C GLN A 52 -37.19 -32.92 1.04
N TYR A 53 -37.00 -31.66 1.51
CA TYR A 53 -35.73 -30.96 1.45
C TYR A 53 -35.12 -30.78 2.85
N PHE A 54 -35.97 -30.57 3.86
CA PHE A 54 -35.55 -30.39 5.26
C PHE A 54 -36.48 -31.19 6.18
N ALA A 55 -35.92 -31.99 7.10
CA ALA A 55 -36.72 -32.81 8.03
C ALA A 55 -37.73 -31.96 8.83
N ASP A 56 -37.31 -30.76 9.26
CA ASP A 56 -38.16 -29.82 9.99
C ASP A 56 -37.67 -28.37 9.79
N LYS A 57 -38.36 -27.39 10.40
CA LYS A 57 -37.99 -25.97 10.33
C LYS A 57 -36.61 -25.71 10.96
N LYS A 58 -36.29 -26.44 12.07
CA LYS A 58 -35.02 -26.37 12.81
C LYS A 58 -33.82 -26.64 11.88
N ASP A 59 -33.87 -27.76 11.10
CA ASP A 59 -32.80 -28.13 10.17
C ASP A 59 -32.58 -27.08 9.10
N CYS A 60 -33.67 -26.45 8.62
CA CYS A 60 -33.61 -25.39 7.61
C CYS A 60 -32.94 -24.13 8.19
N TYR A 61 -33.29 -23.76 9.43
CA TYR A 61 -32.70 -22.61 10.12
C TYR A 61 -31.20 -22.81 10.38
N LEU A 62 -30.80 -24.03 10.79
CA LEU A 62 -29.39 -24.37 11.04
C LEU A 62 -28.57 -24.25 9.76
N TYR A 63 -29.14 -24.70 8.61
CA TYR A 63 -28.49 -24.62 7.30
C TYR A 63 -28.23 -23.15 6.92
N LEU A 64 -29.21 -22.27 7.16
CA LEU A 64 -29.10 -20.85 6.86
C LEU A 64 -28.08 -20.14 7.76
N ILE A 65 -28.01 -20.54 9.05
CA ILE A 65 -27.05 -19.99 10.02
C ILE A 65 -25.61 -20.41 9.64
N GLN A 66 -25.42 -21.70 9.26
CA GLN A 66 -24.12 -22.22 8.84
C GLN A 66 -23.69 -21.60 7.51
N LEU A 67 -24.68 -21.27 6.64
CA LEU A 67 -24.43 -20.62 5.35
C LEU A 67 -23.88 -19.21 5.56
N GLY A 68 -24.41 -18.50 6.56
CA GLY A 68 -23.96 -17.17 6.93
C GLY A 68 -22.56 -17.17 7.53
N ILE A 69 -22.26 -18.16 8.40
CA ILE A 69 -20.94 -18.33 9.01
C ILE A 69 -19.87 -18.61 7.94
N GLU A 70 -20.13 -19.59 7.05
CA GLU A 70 -19.20 -19.95 5.97
C GLU A 70 -18.98 -18.80 4.97
N GLN A 71 -20.05 -18.04 4.66
CA GLN A 71 -20.00 -16.90 3.73
C GLN A 71 -19.17 -15.75 4.31
N LYS A 72 -19.31 -15.49 5.63
CA LYS A 72 -18.58 -14.42 6.33
C LYS A 72 -17.10 -14.73 6.41
N THR A 73 -16.73 -16.00 6.69
CA THR A 73 -15.33 -16.42 6.77
CA THR A 73 -15.34 -16.45 6.78
C THR A 73 -14.66 -16.34 5.39
N ALA A 74 -15.39 -16.75 4.33
CA ALA A 74 -14.89 -16.68 2.95
C ALA A 74 -14.73 -15.22 2.48
N PHE A 75 -15.62 -14.32 2.96
CA PHE A 75 -15.58 -12.89 2.63
C PHE A 75 -14.39 -12.24 3.34
N LEU A 76 -14.15 -12.64 4.60
CA LEU A 76 -13.08 -12.16 5.46
C LEU A 76 -11.69 -12.53 4.89
N ARG A 77 -11.58 -13.72 4.28
CA ARG A 77 -10.33 -14.19 3.69
C ARG A 77 -10.08 -13.64 2.27
N GLN A 78 -11.16 -13.27 1.54
CA GLN A 78 -11.04 -12.71 0.19
C GLN A 78 -10.76 -11.18 0.21
N THR A 79 -11.01 -10.53 1.36
CA THR A 79 -10.78 -9.09 1.52
C THR A 79 -9.28 -8.81 1.70
N PRO A 80 -8.72 -7.78 0.99
CA PRO A 80 -7.31 -7.44 1.20
C PRO A 80 -7.02 -7.12 2.67
N PRO A 81 -6.01 -7.76 3.29
CA PRO A 81 -5.77 -7.55 4.72
C PRO A 81 -5.23 -6.17 5.05
N ALA A 82 -5.29 -5.78 6.34
CA ALA A 82 -4.79 -4.50 6.79
C ALA A 82 -3.26 -4.52 6.89
N SER A 83 -2.61 -3.49 6.32
CA SER A 83 -1.17 -3.35 6.38
C SER A 83 -0.82 -2.43 7.55
N THR A 84 -0.97 -2.95 8.80
CA THR A 84 -0.77 -2.17 10.02
C THR A 84 -0.40 -3.05 11.24
N THR A 85 0.13 -2.43 12.29
CA THR A 85 0.44 -3.12 13.57
C THR A 85 -0.37 -2.47 14.70
N ASP A 86 -1.11 -1.38 14.36
CA ASP A 86 -1.92 -0.63 15.31
C ASP A 86 -3.27 -1.30 15.50
N MSE A 87 -3.71 -1.47 16.76
CA MSE A 87 -4.98 -2.10 17.10
C MSE A 87 -6.17 -1.32 16.55
O MSE A 87 -7.12 -1.93 16.04
CB MSE A 87 -5.11 -2.28 18.62
CG MSE A 87 -6.23 -3.25 19.02
SE MSE A 87 -6.60 -3.19 20.90
CE MSE A 87 -7.73 -1.70 20.93
N PHE A 88 -6.14 0.02 16.65
CA PHE A 88 -7.23 0.86 16.16
C PHE A 88 -7.32 0.93 14.65
N ALA A 89 -6.15 0.86 13.96
CA ALA A 89 -6.12 0.81 12.51
C ALA A 89 -6.68 -0.54 12.03
N TYR A 90 -6.43 -1.62 12.82
CA TYR A 90 -6.98 -2.94 12.54
C TYR A 90 -8.48 -2.97 12.79
N LEU A 91 -8.94 -2.36 13.91
CA LEU A 91 -10.36 -2.31 14.26
C LEU A 91 -11.17 -1.58 13.21
N ARG A 92 -10.60 -0.52 12.58
CA ARG A 92 -11.25 0.21 11.49
C ARG A 92 -11.43 -0.71 10.27
N TRP A 93 -10.39 -1.52 9.96
CA TRP A 93 -10.44 -2.49 8.88
C TRP A 93 -11.51 -3.56 9.17
N LEU A 94 -11.52 -4.10 10.41
CA LEU A 94 -12.47 -5.14 10.82
C LEU A 94 -13.91 -4.61 10.85
N LEU A 95 -14.10 -3.34 11.24
CA LEU A 95 -15.41 -2.69 11.26
C LEU A 95 -15.93 -2.52 9.83
N ASP A 96 -15.02 -2.11 8.91
CA ASP A 96 -15.32 -1.94 7.48
C ASP A 96 -15.73 -3.27 6.83
N VAL A 97 -14.99 -4.36 7.13
CA VAL A 97 -15.28 -5.70 6.60
C VAL A 97 -16.67 -6.19 7.04
N GLY A 98 -16.95 -6.07 8.35
CA GLY A 98 -18.24 -6.46 8.92
C GLY A 98 -19.40 -5.76 8.28
N ILE A 99 -19.25 -4.46 8.01
CA ILE A 99 -20.26 -3.62 7.36
C ILE A 99 -20.41 -4.01 5.86
N GLN A 100 -19.28 -4.30 5.17
CA GLN A 100 -19.31 -4.69 3.75
C GLN A 100 -19.98 -6.05 3.56
N PHE A 101 -19.75 -7.00 4.49
CA PHE A 101 -20.38 -8.32 4.43
C PHE A 101 -21.91 -8.21 4.60
N GLN A 102 -22.35 -7.30 5.49
CA GLN A 102 -23.77 -7.04 5.74
C GLN A 102 -24.46 -6.46 4.49
N PHE A 103 -23.80 -5.50 3.82
CA PHE A 103 -24.34 -4.84 2.62
C PHE A 103 -24.42 -5.78 1.39
N HIS A 104 -23.47 -6.77 1.29
CA HIS A 104 -23.45 -7.73 0.18
CA HIS A 104 -23.45 -7.73 0.17
C HIS A 104 -24.31 -8.96 0.46
N ASN A 105 -24.55 -9.25 1.76
CA ASN A 105 -25.39 -10.39 2.18
C ASN A 105 -26.40 -9.94 3.25
N PRO A 106 -27.34 -9.02 2.88
CA PRO A 106 -28.24 -8.46 3.92
C PRO A 106 -29.16 -9.45 4.59
N ARG A 107 -29.66 -10.45 3.86
CA ARG A 107 -30.58 -11.44 4.42
C ARG A 107 -29.88 -12.42 5.35
N LEU A 108 -28.69 -12.91 4.95
CA LEU A 108 -27.89 -13.79 5.81
C LEU A 108 -27.49 -13.07 7.09
N ALA A 109 -27.07 -11.78 6.96
CA ALA A 109 -26.67 -10.94 8.09
C ALA A 109 -27.83 -10.69 9.04
N GLN A 110 -29.05 -10.46 8.48
CA GLN A 110 -30.26 -10.20 9.27
C GLN A 110 -30.68 -11.44 10.07
N ILE A 111 -30.55 -12.64 9.46
CA ILE A 111 -30.86 -13.91 10.13
C ILE A 111 -29.87 -14.13 11.31
N ALA A 112 -28.57 -13.87 11.09
CA ALA A 112 -27.53 -14.00 12.13
C ALA A 112 -27.72 -12.94 13.23
N TYR A 113 -28.20 -11.72 12.84
CA TYR A 113 -28.46 -10.63 13.78
C TYR A 113 -29.64 -10.96 14.71
N LYS A 114 -30.73 -11.54 14.15
CA LYS A 114 -31.91 -11.90 14.94
CA LYS A 114 -31.90 -11.89 14.95
C LYS A 114 -31.60 -13.00 15.96
N ALA A 115 -30.63 -13.90 15.62
CA ALA A 115 -30.22 -15.01 16.50
C ALA A 115 -29.64 -14.51 17.84
N LEU A 116 -29.16 -13.25 17.87
CA LEU A 116 -28.61 -12.63 19.09
C LEU A 116 -29.71 -12.32 20.12
N TYR A 117 -30.96 -12.10 19.65
CA TYR A 117 -32.05 -11.69 20.54
C TYR A 117 -33.21 -12.68 20.59
N ASP A 118 -33.61 -13.23 19.43
CA ASP A 118 -34.76 -14.12 19.33
C ASP A 118 -34.51 -15.53 19.89
N ASP A 119 -35.58 -16.19 20.39
CA ASP A 119 -35.50 -17.56 20.91
C ASP A 119 -35.45 -18.54 19.73
N VAL A 120 -34.24 -18.83 19.26
CA VAL A 120 -34.03 -19.71 18.12
C VAL A 120 -33.42 -21.06 18.53
N PRO A 121 -33.79 -22.17 17.86
CA PRO A 121 -33.26 -23.48 18.29
C PRO A 121 -31.91 -23.81 17.66
N LEU A 122 -30.83 -23.36 18.30
CA LEU A 122 -29.48 -23.62 17.83
C LEU A 122 -28.72 -24.46 18.86
N PRO A 123 -27.79 -25.34 18.42
CA PRO A 123 -27.02 -26.15 19.40
C PRO A 123 -26.14 -25.27 20.28
N ALA A 124 -25.77 -25.79 21.48
CA ALA A 124 -24.94 -25.07 22.46
C ALA A 124 -23.66 -24.46 21.84
N GLU A 125 -22.93 -25.26 21.03
CA GLU A 125 -21.69 -24.80 20.38
C GLU A 125 -21.92 -23.70 19.36
N THR A 126 -23.03 -23.77 18.59
CA THR A 126 -23.37 -22.75 17.59
C THR A 126 -23.87 -21.48 18.27
N MSE A 127 -24.72 -21.62 19.32
CA MSE A 127 -25.26 -20.50 20.07
C MSE A 127 -24.14 -19.69 20.73
O MSE A 127 -24.16 -18.46 20.69
CB MSE A 127 -26.27 -20.99 21.13
CG MSE A 127 -27.05 -19.85 21.80
SE MSE A 127 -28.23 -18.92 20.57
CE MSE A 127 -29.68 -20.18 20.56
N GLN A 128 -23.13 -20.39 21.30
CA GLN A 128 -21.98 -19.78 21.97
C GLN A 128 -21.19 -18.87 21.01
N VAL A 129 -20.88 -19.37 19.80
CA VAL A 129 -20.14 -18.63 18.77
C VAL A 129 -20.93 -17.39 18.28
N ILE A 130 -22.25 -17.54 18.06
CA ILE A 130 -23.12 -16.45 17.60
C ILE A 130 -23.22 -15.31 18.63
N ARG A 131 -23.50 -15.65 19.90
CA ARG A 131 -23.75 -14.66 20.96
C ARG A 131 -22.52 -14.23 21.79
N HIS A 132 -21.43 -15.03 21.80
CA HIS A 132 -20.26 -14.71 22.64
C HIS A 132 -18.90 -14.74 21.90
N GLY A 133 -18.92 -15.10 20.62
CA GLY A 133 -17.72 -15.24 19.79
C GLY A 133 -16.96 -13.94 19.59
N SER A 134 -17.65 -12.90 19.05
CA SER A 134 -17.04 -11.59 18.79
C SER A 134 -16.55 -10.87 20.08
N PHE A 135 -17.36 -10.92 21.16
CA PHE A 135 -17.01 -10.33 22.46
C PHE A 135 -15.68 -10.92 22.98
N ALA A 136 -15.54 -12.27 22.91
CA ALA A 136 -14.34 -12.98 23.35
C ALA A 136 -13.10 -12.55 22.57
N TYR A 137 -13.26 -12.29 21.25
CA TYR A 137 -12.16 -11.84 20.39
C TYR A 137 -11.71 -10.41 20.77
N PHE A 138 -12.67 -9.48 20.99
CA PHE A 138 -12.37 -8.12 21.40
C PHE A 138 -11.67 -8.08 22.76
N LYS A 139 -12.11 -8.93 23.70
CA LYS A 139 -11.50 -9.03 25.04
C LYS A 139 -10.02 -9.45 24.93
N GLN A 140 -9.74 -10.41 24.02
CA GLN A 140 -8.37 -10.87 23.75
C GLN A 140 -7.51 -9.73 23.20
N LEU A 141 -8.07 -8.92 22.26
CA LEU A 141 -7.36 -7.77 21.65
C LEU A 141 -7.07 -6.69 22.68
N VAL A 142 -8.05 -6.39 23.56
CA VAL A 142 -7.90 -5.37 24.62
C VAL A 142 -6.85 -5.83 25.65
N GLU A 143 -6.89 -7.13 26.05
CA GLU A 143 -5.90 -7.69 26.98
C GLU A 143 -4.49 -7.61 26.42
N GLN A 144 -4.34 -7.80 25.08
CA GLN A 144 -3.06 -7.68 24.38
C GLN A 144 -2.56 -6.24 24.40
N GLY A 145 -3.46 -5.29 24.14
CA GLY A 145 -3.18 -3.85 24.13
C GLY A 145 -2.77 -3.29 25.48
N ILE A 146 -3.37 -3.80 26.58
CA ILE A 146 -3.01 -3.41 27.95
C ILE A 146 -1.60 -3.95 28.28
N ALA A 147 -1.34 -5.22 27.88
CA ALA A 147 -0.06 -5.90 28.12
C ALA A 147 1.11 -5.19 27.44
N ASP A 148 0.94 -4.71 26.19
CA ASP A 148 2.01 -4.03 25.46
C ASP A 148 2.10 -2.51 25.73
N GLY A 149 1.33 -2.04 26.70
CA GLY A 149 1.37 -0.65 27.16
C GLY A 149 0.75 0.38 26.24
N SER A 150 0.03 -0.07 25.19
CA SER A 150 -0.61 0.87 24.26
C SER A 150 -1.93 1.43 24.81
N LEU A 151 -2.68 0.61 25.59
CA LEU A 151 -3.96 1.01 26.17
C LEU A 151 -3.80 1.46 27.63
N VAL A 152 -4.83 2.19 28.17
CA VAL A 152 -4.85 2.67 29.57
C VAL A 152 -4.61 1.48 30.54
N PRO A 153 -3.62 1.60 31.48
CA PRO A 153 -3.29 0.45 32.34
C PRO A 153 -4.43 -0.07 33.23
N ASP A 154 -5.28 0.84 33.74
CA ASP A 154 -6.40 0.48 34.64
C ASP A 154 -7.68 0.05 33.89
N LEU A 155 -7.62 -0.03 32.55
CA LEU A 155 -8.77 -0.39 31.71
C LEU A 155 -9.28 -1.81 31.98
N ASP A 156 -10.61 -1.95 32.15
CA ASP A 156 -11.23 -3.26 32.34
C ASP A 156 -11.49 -3.86 30.96
N ALA A 157 -10.81 -4.98 30.63
CA ALA A 157 -10.91 -5.63 29.32
C ALA A 157 -12.32 -6.05 28.96
N ASP A 158 -13.07 -6.60 29.95
CA ASP A 158 -14.45 -7.03 29.75
C ASP A 158 -15.35 -5.84 29.35
N THR A 159 -15.21 -4.70 30.05
CA THR A 159 -15.97 -3.48 29.80
C THR A 159 -15.67 -2.91 28.40
N ALA A 160 -14.36 -2.84 28.04
CA ALA A 160 -13.92 -2.34 26.74
C ALA A 160 -14.43 -3.25 25.60
N ALA A 161 -14.44 -4.60 25.85
CA ALA A 161 -14.94 -5.58 24.88
C ALA A 161 -16.45 -5.41 24.67
N PHE A 162 -17.19 -5.10 25.76
CA PHE A 162 -18.62 -4.83 25.70
C PHE A 162 -18.91 -3.64 24.78
N VAL A 163 -18.19 -2.52 24.97
CA VAL A 163 -18.34 -1.30 24.17
C VAL A 163 -18.02 -1.56 22.68
N LEU A 164 -16.92 -2.29 22.40
CA LEU A 164 -16.54 -2.64 21.03
C LEU A 164 -17.60 -3.54 20.37
N ASN A 165 -18.04 -4.59 21.10
CA ASN A 165 -19.04 -5.54 20.60
C ASN A 165 -20.38 -4.88 20.23
N VAL A 166 -20.92 -4.00 21.10
CA VAL A 166 -22.21 -3.32 20.82
C VAL A 166 -22.11 -2.35 19.64
N VAL A 167 -20.98 -1.67 19.48
CA VAL A 167 -20.76 -0.74 18.38
C VAL A 167 -20.67 -1.51 17.05
N PHE A 168 -19.80 -2.54 17.01
CA PHE A 168 -19.61 -3.38 15.80
C PHE A 168 -20.91 -4.09 15.36
N THR A 169 -21.74 -4.50 16.33
CA THR A 169 -22.99 -5.19 16.07
C THR A 169 -24.05 -4.25 15.46
N GLU A 170 -24.09 -2.99 15.91
CA GLU A 170 -25.17 -2.06 15.55
C GLU A 170 -24.83 -0.99 14.51
N LEU A 171 -23.53 -0.73 14.23
CA LEU A 171 -23.16 0.35 13.30
C LEU A 171 -23.78 0.23 11.90
N GLY A 172 -23.70 -0.95 11.30
CA GLY A 172 -24.24 -1.20 9.96
C GLY A 172 -25.70 -0.82 9.82
N ASN A 173 -26.53 -1.25 10.78
CA ASN A 173 -27.96 -0.93 10.81
C ASN A 173 -28.19 0.56 10.92
N HIS A 174 -27.35 1.26 11.73
CA HIS A 174 -27.46 2.69 11.91
C HIS A 174 -27.09 3.47 10.65
N LEU A 175 -26.02 3.02 9.93
CA LEU A 175 -25.58 3.63 8.68
C LEU A 175 -26.71 3.60 7.65
N ILE A 176 -27.37 2.43 7.50
CA ILE A 176 -28.52 2.24 6.59
C ILE A 176 -29.65 3.19 6.98
N GLU A 177 -30.02 3.19 8.28
CA GLU A 177 -31.09 4.02 8.83
C GLU A 177 -30.83 5.52 8.55
N ARG A 178 -29.56 5.95 8.68
CA ARG A 178 -29.17 7.34 8.50
C ARG A 178 -29.06 7.77 7.02
N PHE A 179 -28.41 6.93 6.18
CA PHE A 179 -28.10 7.32 4.80
C PHE A 179 -28.99 6.72 3.70
N ALA A 180 -29.51 5.48 3.90
CA ALA A 180 -30.31 4.82 2.86
C ALA A 180 -31.78 5.28 2.89
N VAL A 181 -32.26 5.86 1.77
CA VAL A 181 -33.66 6.34 1.64
C VAL A 181 -34.64 5.16 1.58
N ASN A 182 -34.55 4.34 0.52
CA ASN A 182 -35.35 3.12 0.38
C ASN A 182 -34.37 1.95 0.37
N PRO A 183 -33.98 1.45 1.57
CA PRO A 183 -32.91 0.44 1.63
C PRO A 183 -33.19 -0.86 0.87
N ALA A 184 -34.46 -1.30 0.83
CA ALA A 184 -34.87 -2.54 0.16
C ALA A 184 -34.35 -2.62 -1.28
N GLU A 185 -34.68 -1.62 -2.11
CA GLU A 185 -34.26 -1.56 -3.52
C GLU A 185 -32.78 -1.24 -3.65
N LEU A 186 -32.25 -0.35 -2.77
CA LEU A 186 -30.85 0.05 -2.79
C LEU A 186 -29.89 -1.14 -2.54
N LEU A 187 -30.26 -2.04 -1.61
CA LEU A 187 -29.47 -3.24 -1.29
C LEU A 187 -29.61 -4.31 -2.39
N ARG A 188 -30.82 -4.46 -2.95
CA ARG A 188 -31.10 -5.43 -3.99
C ARG A 188 -30.39 -5.07 -5.31
N GLU A 189 -30.45 -3.78 -5.73
CA GLU A 189 -29.81 -3.30 -6.97
C GLU A 189 -28.28 -3.11 -6.82
N GLY A 190 -27.80 -3.01 -5.57
CA GLY A 190 -26.39 -2.86 -5.27
C GLY A 190 -25.89 -1.42 -5.27
N GLY A 191 -26.81 -0.47 -5.11
CA GLY A 191 -26.48 0.95 -5.11
C GLY A 191 -25.97 1.48 -3.79
N ILE A 192 -25.96 0.62 -2.73
CA ILE A 192 -25.50 1.01 -1.39
C ILE A 192 -24.03 1.51 -1.39
N VAL A 193 -23.23 1.04 -2.36
CA VAL A 193 -21.81 1.39 -2.53
C VAL A 193 -21.59 2.89 -2.80
N LEU A 194 -22.62 3.58 -3.30
CA LEU A 194 -22.54 5.01 -3.61
C LEU A 194 -22.61 5.89 -2.34
N LEU A 195 -22.93 5.28 -1.19
CA LEU A 195 -23.04 6.00 0.09
C LEU A 195 -21.77 5.84 0.96
N GLN A 196 -20.76 5.07 0.47
CA GLN A 196 -19.49 4.81 1.17
C GLN A 196 -18.74 6.11 1.63
N PRO A 197 -18.65 7.20 0.82
CA PRO A 197 -17.93 8.40 1.30
C PRO A 197 -18.52 8.97 2.60
N ALA A 198 -19.86 9.01 2.72
CA ALA A 198 -20.52 9.50 3.93
C ALA A 198 -20.42 8.48 5.07
N MSE A 199 -20.50 7.19 4.73
CA MSE A 199 -20.44 6.10 5.72
C MSE A 199 -19.04 5.93 6.31
O MSE A 199 -18.91 5.53 7.47
CB MSE A 199 -20.93 4.79 5.10
CG MSE A 199 -22.43 4.74 4.86
SE MSE A 199 -23.01 3.00 4.21
CE MSE A 199 -24.90 3.36 4.10
N ARG A 200 -17.97 6.21 5.50
CA ARG A 200 -16.58 6.05 5.96
C ARG A 200 -16.18 7.06 7.03
N ARG A 201 -16.65 8.33 6.90
CA ARG A 201 -16.33 9.36 7.89
C ARG A 201 -16.96 9.05 9.23
N VAL A 202 -18.10 8.29 9.21
CA VAL A 202 -18.76 7.83 10.44
C VAL A 202 -17.92 6.70 11.05
N ILE A 203 -17.47 5.73 10.21
CA ILE A 203 -16.61 4.64 10.65
C ILE A 203 -15.33 5.19 11.29
N GLU A 204 -14.71 6.22 10.65
CA GLU A 204 -13.50 6.88 11.19
C GLU A 204 -13.80 7.61 12.51
N GLN A 205 -14.95 8.34 12.56
CA GLN A 205 -15.42 9.03 13.78
C GLN A 205 -15.59 8.05 14.94
N VAL A 206 -16.21 6.87 14.67
CA VAL A 206 -16.43 5.82 15.67
C VAL A 206 -15.10 5.32 16.25
N ILE A 207 -14.13 5.01 15.37
CA ILE A 207 -12.80 4.55 15.79
C ILE A 207 -12.06 5.63 16.59
N ASP A 208 -12.17 6.92 16.17
CA ASP A 208 -11.55 8.05 16.88
C ASP A 208 -12.05 8.15 18.32
N ILE A 209 -13.36 7.97 18.54
CA ILE A 209 -13.96 8.01 19.87
C ILE A 209 -13.41 6.86 20.74
N LEU A 210 -13.37 5.63 20.19
CA LEU A 210 -12.86 4.45 20.90
C LEU A 210 -11.36 4.55 21.17
N GLU A 211 -10.61 5.15 20.21
CA GLU A 211 -9.16 5.34 20.33
C GLU A 211 -8.83 6.32 21.48
N ARG A 212 -9.48 7.50 21.50
CA ARG A 212 -9.25 8.50 22.55
C ARG A 212 -9.68 7.96 23.92
N GLY A 213 -10.73 7.17 23.95
CA GLY A 213 -11.26 6.59 25.17
C GLY A 213 -10.44 5.47 25.77
N MSE A 214 -9.70 4.71 24.92
CA MSE A 214 -8.96 3.53 25.38
C MSE A 214 -7.44 3.65 25.33
O MSE A 214 -6.76 3.02 26.15
CB MSE A 214 -9.41 2.28 24.62
CG MSE A 214 -10.86 1.96 24.82
SE MSE A 214 -11.41 0.42 23.81
CE MSE A 214 -13.31 0.60 24.04
N ARG A 215 -6.89 4.36 24.32
CA ARG A 215 -5.43 4.47 24.16
C ARG A 215 -4.79 5.27 25.30
N ARG A 216 -3.57 4.84 25.71
CA ARG A 216 -2.77 5.47 26.79
C ARG A 216 -2.44 6.92 26.45
N ARG A 217 -2.48 7.81 27.47
CA ARG A 217 -2.17 9.23 27.32
C ARG A 217 -0.67 9.46 27.19
N GLY B 1 -10.79 32.48 -38.47
CA GLY B 1 -11.64 33.21 -39.40
C GLY B 1 -12.06 34.58 -38.89
N MSE B 2 -12.77 35.34 -39.74
CA MSE B 2 -13.26 36.69 -39.42
C MSE B 2 -14.70 36.63 -38.88
O MSE B 2 -15.45 35.73 -39.27
CB MSE B 2 -13.20 37.59 -40.68
CG MSE B 2 -11.78 38.00 -41.08
SE MSE B 2 -10.91 39.18 -39.79
CE MSE B 2 -12.13 40.74 -39.89
N PRO B 3 -15.14 37.63 -38.06
CA PRO B 3 -16.56 37.64 -37.61
C PRO B 3 -17.50 37.79 -38.81
N THR B 4 -18.72 37.24 -38.70
CA THR B 4 -19.68 37.27 -39.80
C THR B 4 -20.14 38.70 -40.12
N GLU B 5 -20.67 38.91 -41.34
CA GLU B 5 -21.20 40.20 -41.76
C GLU B 5 -22.47 40.54 -40.97
N THR B 6 -23.14 39.49 -40.42
CA THR B 6 -24.34 39.66 -39.58
C THR B 6 -23.96 40.41 -38.29
N PHE B 7 -22.78 40.08 -37.71
CA PHE B 7 -22.25 40.74 -36.52
C PHE B 7 -21.92 42.20 -36.82
N PHE B 8 -21.26 42.47 -37.96
CA PHE B 8 -20.88 43.83 -38.35
C PHE B 8 -22.07 44.68 -38.77
N ASN B 9 -23.14 44.04 -39.29
CA ASN B 9 -24.34 44.76 -39.73
C ASN B 9 -25.36 44.98 -38.60
N LEU B 10 -25.01 44.60 -37.35
CA LEU B 10 -25.87 44.80 -36.19
C LEU B 10 -26.01 46.30 -35.88
N PRO B 11 -27.17 46.75 -35.32
CA PRO B 11 -27.26 48.16 -34.89
C PRO B 11 -26.23 48.44 -33.79
N GLU B 12 -25.56 49.62 -33.84
CA GLU B 12 -24.48 49.99 -32.92
C GLU B 12 -24.78 49.69 -31.44
N GLU B 13 -26.00 49.99 -30.98
CA GLU B 13 -26.38 49.75 -29.57
C GLU B 13 -26.38 48.25 -29.21
N LYS B 14 -26.87 47.40 -30.12
CA LYS B 14 -26.90 45.94 -29.90
C LYS B 14 -25.50 45.32 -29.97
N ARG B 15 -24.67 45.75 -30.95
CA ARG B 15 -23.30 45.26 -31.10
C ARG B 15 -22.43 45.64 -29.89
N SER B 16 -22.53 46.90 -29.42
CA SER B 16 -21.76 47.40 -28.27
C SER B 16 -22.10 46.64 -26.99
N ARG B 17 -23.39 46.28 -26.81
CA ARG B 17 -23.87 45.51 -25.66
C ARG B 17 -23.28 44.08 -25.68
N LEU B 18 -23.18 43.48 -26.90
CA LEU B 18 -22.59 42.14 -27.09
C LEU B 18 -21.07 42.14 -26.83
N ILE B 19 -20.34 43.14 -27.39
CA ILE B 19 -18.89 43.28 -27.18
C ILE B 19 -18.56 43.41 -25.68
N ASP B 20 -19.37 44.21 -24.95
CA ASP B 20 -19.21 44.39 -23.49
C ASP B 20 -19.34 43.05 -22.74
N VAL B 21 -20.31 42.20 -23.17
CA VAL B 21 -20.54 40.88 -22.58
C VAL B 21 -19.36 39.93 -22.93
N LEU B 22 -18.91 39.96 -24.21
CA LEU B 22 -17.77 39.16 -24.67
C LEU B 22 -16.47 39.52 -23.94
N LEU B 23 -16.24 40.83 -23.70
CA LEU B 23 -15.04 41.29 -23.00
C LEU B 23 -15.03 40.78 -21.55
N ASP B 24 -16.18 40.93 -20.82
CA ASP B 24 -16.31 40.44 -19.45
C ASP B 24 -16.06 38.93 -19.35
N GLU B 25 -16.71 38.13 -20.23
CA GLU B 25 -16.58 36.67 -20.25
C GLU B 25 -15.14 36.18 -20.50
N PHE B 26 -14.46 36.76 -21.50
CA PHE B 26 -13.10 36.35 -21.84
C PHE B 26 -12.03 36.88 -20.86
N ALA B 27 -12.33 37.96 -20.13
CA ALA B 27 -11.39 38.53 -19.14
C ALA B 27 -11.55 37.87 -17.76
N GLN B 28 -12.80 37.52 -17.38
CA GLN B 28 -13.10 36.92 -16.08
C GLN B 28 -12.87 35.40 -16.06
N ASN B 29 -12.76 34.75 -17.24
CA ASN B 29 -12.61 33.30 -17.34
C ASN B 29 -11.50 32.87 -18.28
N ASP B 30 -10.91 31.67 -18.03
CA ASP B 30 -9.89 31.06 -18.89
CA ASP B 30 -9.88 31.10 -18.90
C ASP B 30 -10.55 30.60 -20.19
N TYR B 31 -9.80 30.57 -21.31
CA TYR B 31 -10.34 30.16 -22.62
C TYR B 31 -11.23 28.89 -22.56
N ASP B 32 -10.76 27.83 -21.88
CA ASP B 32 -11.50 26.56 -21.77
C ASP B 32 -12.72 26.67 -20.84
N SER B 33 -12.74 27.66 -19.94
CA SER B 33 -13.84 27.88 -18.99
C SER B 33 -14.90 28.89 -19.54
N VAL B 34 -14.68 29.44 -20.76
CA VAL B 34 -15.61 30.39 -21.40
C VAL B 34 -16.91 29.67 -21.81
N SER B 35 -18.06 30.22 -21.37
CA SER B 35 -19.38 29.64 -21.64
C SER B 35 -20.16 30.45 -22.68
N ILE B 36 -20.48 29.81 -23.83
CA ILE B 36 -21.25 30.43 -24.92
C ILE B 36 -22.69 30.74 -24.45
N ASN B 37 -23.28 29.84 -23.64
CA ASN B 37 -24.65 30.03 -23.11
C ASN B 37 -24.72 31.18 -22.12
N ARG B 38 -23.63 31.41 -21.34
CA ARG B 38 -23.54 32.54 -20.41
C ARG B 38 -23.48 33.86 -21.19
N ILE B 39 -22.82 33.85 -22.37
CA ILE B 39 -22.74 35.00 -23.26
C ILE B 39 -24.14 35.39 -23.76
N THR B 40 -24.88 34.42 -24.35
CA THR B 40 -26.22 34.65 -24.89
C THR B 40 -27.23 35.06 -23.81
N GLU B 41 -27.08 34.51 -22.58
CA GLU B 41 -27.95 34.82 -21.45
C GLU B 41 -27.73 36.28 -20.95
N ARG B 42 -26.43 36.67 -20.76
CA ARG B 42 -26.08 38.03 -20.33
C ARG B 42 -26.32 39.07 -21.42
N ALA B 43 -26.12 38.70 -22.70
CA ALA B 43 -26.33 39.62 -23.83
C ALA B 43 -27.82 39.82 -24.14
N GLY B 44 -28.67 38.94 -23.58
CA GLY B 44 -30.10 38.99 -23.78
C GLY B 44 -30.51 38.62 -25.20
N ILE B 45 -29.86 37.58 -25.75
CA ILE B 45 -30.12 37.09 -27.11
C ILE B 45 -30.56 35.62 -27.10
N ALA B 46 -31.05 35.11 -28.25
CA ALA B 46 -31.52 33.72 -28.37
C ALA B 46 -30.43 32.71 -28.09
N LYS B 47 -30.80 31.55 -27.53
CA LYS B 47 -29.86 30.47 -27.27
C LYS B 47 -29.44 29.84 -28.61
N GLY B 48 -28.12 29.75 -28.83
CA GLY B 48 -27.55 29.21 -30.05
C GLY B 48 -27.30 30.25 -31.13
N SER B 49 -27.65 31.54 -30.84
CA SER B 49 -27.51 32.64 -31.82
C SER B 49 -26.08 33.19 -31.91
N PHE B 50 -25.17 32.76 -30.98
CA PHE B 50 -23.76 33.20 -31.00
C PHE B 50 -23.11 32.87 -32.35
N TYR B 51 -23.41 31.67 -32.89
CA TYR B 51 -22.82 31.15 -34.12
C TYR B 51 -23.27 31.90 -35.40
N GLN B 52 -24.19 32.86 -35.23
CA GLN B 52 -24.62 33.75 -36.32
C GLN B 52 -23.72 34.99 -36.38
N TYR B 53 -22.88 35.20 -35.33
CA TYR B 53 -21.98 36.34 -35.26
C TYR B 53 -20.51 35.89 -35.38
N PHE B 54 -20.20 34.68 -34.88
CA PHE B 54 -18.86 34.10 -34.94
C PHE B 54 -18.98 32.61 -35.29
N ALA B 55 -18.13 32.13 -36.21
CA ALA B 55 -18.15 30.71 -36.64
C ALA B 55 -17.90 29.75 -35.46
N ASP B 56 -16.96 30.12 -34.57
CA ASP B 56 -16.65 29.33 -33.37
C ASP B 56 -16.07 30.23 -32.26
N LYS B 57 -15.71 29.64 -31.10
CA LYS B 57 -15.12 30.37 -29.97
C LYS B 57 -13.77 31.02 -30.33
N LYS B 58 -12.89 30.31 -31.10
CA LYS B 58 -11.58 30.87 -31.44
C LYS B 58 -11.65 32.09 -32.36
N ASP B 59 -12.63 32.13 -33.31
CA ASP B 59 -12.83 33.29 -34.21
C ASP B 59 -13.17 34.53 -33.38
N CYS B 60 -13.95 34.33 -32.29
CA CYS B 60 -14.33 35.40 -31.38
C CYS B 60 -13.13 35.84 -30.53
N TYR B 61 -12.33 34.85 -30.03
CA TYR B 61 -11.14 35.14 -29.25
C TYR B 61 -10.12 35.93 -30.07
N LEU B 62 -9.92 35.53 -31.35
CA LEU B 62 -9.00 36.21 -32.27
C LEU B 62 -9.45 37.65 -32.51
N TYR B 63 -10.78 37.87 -32.60
CA TYR B 63 -11.35 39.21 -32.79
C TYR B 63 -11.05 40.13 -31.60
N LEU B 64 -11.15 39.59 -30.38
CA LEU B 64 -10.88 40.35 -29.17
C LEU B 64 -9.38 40.64 -28.99
N ILE B 65 -8.51 39.68 -29.40
CA ILE B 65 -7.06 39.84 -29.35
C ILE B 65 -6.60 40.93 -30.36
N GLN B 66 -7.15 40.89 -31.60
CA GLN B 66 -6.85 41.87 -32.64
CA GLN B 66 -6.82 41.88 -32.62
C GLN B 66 -7.38 43.25 -32.26
N LEU B 67 -8.51 43.29 -31.51
CA LEU B 67 -9.14 44.53 -31.04
C LEU B 67 -8.22 45.21 -30.02
N GLY B 68 -7.60 44.41 -29.15
CA GLY B 68 -6.66 44.89 -28.15
C GLY B 68 -5.38 45.43 -28.76
N ILE B 69 -4.84 44.71 -29.77
CA ILE B 69 -3.63 45.12 -30.51
C ILE B 69 -3.86 46.46 -31.24
N GLU B 70 -4.97 46.56 -32.01
CA GLU B 70 -5.31 47.78 -32.75
C GLU B 70 -5.56 48.97 -31.82
N GLN B 71 -6.25 48.73 -30.67
CA GLN B 71 -6.55 49.76 -29.67
C GLN B 71 -5.27 50.30 -29.01
N LYS B 72 -4.31 49.40 -28.69
CA LYS B 72 -3.05 49.77 -28.04
C LYS B 72 -2.17 50.59 -28.97
N THR B 73 -2.08 50.20 -30.27
CA THR B 73 -1.27 50.94 -31.25
C THR B 73 -1.87 52.32 -31.52
N ALA B 74 -3.23 52.41 -31.59
CA ALA B 74 -3.92 53.68 -31.80
C ALA B 74 -3.78 54.61 -30.58
N PHE B 75 -3.72 54.02 -29.36
CA PHE B 75 -3.54 54.76 -28.12
C PHE B 75 -2.11 55.30 -28.04
N LEU B 76 -1.14 54.48 -28.47
CA LEU B 76 0.29 54.79 -28.50
C LEU B 76 0.59 55.95 -29.46
N ARG B 77 -0.13 56.02 -30.59
CA ARG B 77 0.07 57.07 -31.61
C ARG B 77 -0.69 58.37 -31.26
N GLN B 78 -1.79 58.26 -30.48
CA GLN B 78 -2.58 59.44 -30.09
C GLN B 78 -1.98 60.15 -28.86
N THR B 79 -1.10 59.46 -28.11
CA THR B 79 -0.45 60.02 -26.92
C THR B 79 0.66 60.99 -27.34
N PRO B 80 0.74 62.20 -26.71
CA PRO B 80 1.83 63.13 -27.04
C PRO B 80 3.20 62.47 -26.82
N PRO B 81 4.10 62.49 -27.84
CA PRO B 81 5.38 61.79 -27.70
C PRO B 81 6.33 62.42 -26.69
N ALA B 82 7.34 61.67 -26.25
CA ALA B 82 8.33 62.16 -25.29
C ALA B 82 9.31 63.10 -25.97
N SER B 83 9.55 64.27 -25.38
CA SER B 83 10.50 65.24 -25.89
C SER B 83 11.83 65.05 -25.16
N THR B 84 12.52 63.94 -25.48
CA THR B 84 13.78 63.56 -24.82
C THR B 84 14.71 62.74 -25.74
N THR B 85 16.00 62.64 -25.38
CA THR B 85 16.98 61.82 -26.08
C THR B 85 17.50 60.73 -25.13
N ASP B 86 17.07 60.78 -23.86
CA ASP B 86 17.48 59.85 -22.82
C ASP B 86 16.63 58.58 -22.87
N MSE B 87 17.28 57.40 -22.83
CA MSE B 87 16.61 56.09 -22.89
C MSE B 87 15.68 55.89 -21.69
O MSE B 87 14.58 55.39 -21.86
CB MSE B 87 17.63 54.95 -22.98
CG MSE B 87 17.01 53.62 -23.40
SE MSE B 87 18.24 52.15 -23.15
CE MSE B 87 17.93 51.83 -21.31
N PHE B 88 16.12 56.27 -20.49
CA PHE B 88 15.34 56.10 -19.26
C PHE B 88 14.16 57.07 -19.18
N ALA B 89 14.32 58.28 -19.74
CA ALA B 89 13.22 59.24 -19.80
C ALA B 89 12.16 58.74 -20.79
N TYR B 90 12.61 58.04 -21.88
CA TYR B 90 11.73 57.44 -22.85
C TYR B 90 11.02 56.22 -22.25
N LEU B 91 11.76 55.38 -21.52
CA LEU B 91 11.19 54.18 -20.89
C LEU B 91 10.11 54.56 -19.88
N ARG B 92 10.28 55.72 -19.20
CA ARG B 92 9.30 56.24 -18.24
CA ARG B 92 9.32 56.24 -18.24
C ARG B 92 8.01 56.55 -18.99
N TRP B 93 8.12 57.25 -20.14
CA TRP B 93 7.01 57.62 -21.00
C TRP B 93 6.30 56.36 -21.51
N LEU B 94 7.09 55.35 -21.99
CA LEU B 94 6.56 54.08 -22.51
C LEU B 94 5.86 53.26 -21.43
N LEU B 95 6.39 53.28 -20.20
CA LEU B 95 5.80 52.58 -19.06
C LEU B 95 4.46 53.22 -18.71
N ASP B 96 4.40 54.57 -18.74
CA ASP B 96 3.20 55.35 -18.45
C ASP B 96 2.10 55.08 -19.49
N VAL B 97 2.45 55.05 -20.81
CA VAL B 97 1.51 54.77 -21.90
C VAL B 97 0.88 53.38 -21.75
N GLY B 98 1.71 52.38 -21.47
CA GLY B 98 1.26 51.01 -21.27
C GLY B 98 0.30 50.87 -20.12
N ILE B 99 0.57 51.58 -19.01
CA ILE B 99 -0.26 51.57 -17.81
C ILE B 99 -1.58 52.32 -18.03
N GLN B 100 -1.53 53.45 -18.77
CA GLN B 100 -2.74 54.23 -19.11
C GLN B 100 -3.68 53.42 -20.02
N PHE B 101 -3.11 52.63 -20.96
CA PHE B 101 -3.91 51.79 -21.86
C PHE B 101 -4.66 50.70 -21.08
N GLN B 102 -3.97 50.11 -20.06
CA GLN B 102 -4.56 49.08 -19.22
CA GLN B 102 -4.57 49.07 -19.22
C GLN B 102 -5.73 49.64 -18.39
N PHE B 103 -5.56 50.84 -17.83
CA PHE B 103 -6.61 51.45 -17.00
C PHE B 103 -7.84 51.88 -17.82
N HIS B 104 -7.63 52.30 -19.09
CA HIS B 104 -8.74 52.74 -19.95
C HIS B 104 -9.39 51.56 -20.70
N ASN B 105 -8.65 50.44 -20.85
CA ASN B 105 -9.17 49.24 -21.50
C ASN B 105 -8.83 47.99 -20.64
N PRO B 106 -9.39 47.89 -19.40
CA PRO B 106 -8.97 46.80 -18.50
C PRO B 106 -9.27 45.39 -18.97
N ARG B 107 -10.43 45.21 -19.64
CA ARG B 107 -10.83 43.90 -20.11
C ARG B 107 -10.02 43.44 -21.31
N LEU B 108 -9.76 44.36 -22.27
CA LEU B 108 -8.89 44.05 -23.42
C LEU B 108 -7.47 43.72 -22.95
N ALA B 109 -6.96 44.49 -21.98
CA ALA B 109 -5.63 44.29 -21.41
C ALA B 109 -5.53 42.96 -20.66
N GLN B 110 -6.59 42.58 -19.92
CA GLN B 110 -6.63 41.33 -19.17
C GLN B 110 -6.65 40.11 -20.12
N ILE B 111 -7.39 40.23 -21.25
CA ILE B 111 -7.46 39.16 -22.26
C ILE B 111 -6.06 38.97 -22.91
N ALA B 112 -5.38 40.10 -23.23
CA ALA B 112 -4.01 40.06 -23.80
C ALA B 112 -2.99 39.55 -22.77
N TYR B 113 -3.21 39.84 -21.48
CA TYR B 113 -2.33 39.41 -20.39
C TYR B 113 -2.43 37.89 -20.19
N LYS B 114 -3.68 37.33 -20.21
CA LYS B 114 -3.89 35.89 -20.04
CA LYS B 114 -3.90 35.88 -20.04
C LYS B 114 -3.25 35.09 -21.17
N ALA B 115 -3.16 35.71 -22.38
CA ALA B 115 -2.55 35.09 -23.56
C ALA B 115 -1.06 34.75 -23.34
N LEU B 116 -0.40 35.46 -22.40
CA LEU B 116 1.01 35.24 -22.07
C LEU B 116 1.24 33.93 -21.30
N TYR B 117 0.18 33.38 -20.66
CA TYR B 117 0.32 32.20 -19.82
C TYR B 117 -0.60 31.05 -20.23
N ASP B 118 -1.88 31.37 -20.53
CA ASP B 118 -2.88 30.35 -20.83
C ASP B 118 -2.72 29.72 -22.23
N ASP B 119 -3.16 28.45 -22.36
CA ASP B 119 -3.16 27.72 -23.62
C ASP B 119 -4.31 28.21 -24.50
N VAL B 120 -4.05 29.26 -25.28
CA VAL B 120 -5.06 29.87 -26.14
C VAL B 120 -4.80 29.57 -27.62
N PRO B 121 -5.86 29.39 -28.46
CA PRO B 121 -5.62 29.05 -29.87
C PRO B 121 -5.38 30.29 -30.73
N LEU B 122 -4.13 30.76 -30.76
CA LEU B 122 -3.73 31.91 -31.55
C LEU B 122 -2.74 31.49 -32.64
N PRO B 123 -2.73 32.18 -33.81
CA PRO B 123 -1.76 31.82 -34.86
C PRO B 123 -0.32 32.06 -34.44
N ALA B 124 0.63 31.32 -35.03
CA ALA B 124 2.06 31.42 -34.73
C ALA B 124 2.59 32.87 -34.80
N GLU B 125 2.19 33.65 -35.85
CA GLU B 125 2.61 35.04 -36.03
CA GLU B 125 2.61 35.04 -36.04
C GLU B 125 2.09 35.94 -34.91
N THR B 126 0.84 35.72 -34.46
CA THR B 126 0.21 36.49 -33.39
C THR B 126 0.85 36.13 -32.04
N MSE B 127 1.08 34.82 -31.79
CA MSE B 127 1.71 34.31 -30.57
C MSE B 127 3.08 34.92 -30.34
O MSE B 127 3.39 35.34 -29.21
CB MSE B 127 1.80 32.78 -30.60
CG MSE B 127 0.66 32.09 -29.89
SE MSE B 127 0.59 32.54 -27.99
CE MSE B 127 -0.62 31.13 -27.40
N GLN B 128 3.91 34.98 -31.40
CA GLN B 128 5.27 35.53 -31.33
C GLN B 128 5.26 37.02 -30.92
N VAL B 129 4.33 37.81 -31.49
CA VAL B 129 4.20 39.24 -31.18
C VAL B 129 3.75 39.45 -29.72
N ILE B 130 2.75 38.66 -29.26
CA ILE B 130 2.23 38.75 -27.89
C ILE B 130 3.28 38.36 -26.84
N ARG B 131 3.96 37.21 -27.02
CA ARG B 131 4.88 36.67 -26.02
C ARG B 131 6.36 37.09 -26.15
N HIS B 132 6.81 37.58 -27.34
CA HIS B 132 8.23 37.94 -27.53
C HIS B 132 8.46 39.32 -28.18
N GLY B 133 7.38 39.99 -28.59
CA GLY B 133 7.45 41.29 -29.24
C GLY B 133 8.10 42.38 -28.41
N SER B 134 7.57 42.61 -27.18
CA SER B 134 8.09 43.64 -26.27
C SER B 134 9.55 43.36 -25.83
N PHE B 135 9.87 42.08 -25.51
CA PHE B 135 11.23 41.67 -25.12
C PHE B 135 12.24 42.04 -26.21
N ALA B 136 11.90 41.74 -27.49
CA ALA B 136 12.76 42.03 -28.63
C ALA B 136 13.03 43.54 -28.79
N TYR B 137 12.01 44.38 -28.49
CA TYR B 137 12.14 45.83 -28.57
C TYR B 137 13.09 46.37 -27.47
N PHE B 138 12.93 45.87 -26.22
CA PHE B 138 13.80 46.26 -25.11
C PHE B 138 15.25 45.86 -25.36
N LYS B 139 15.47 44.67 -25.93
CA LYS B 139 16.82 44.18 -26.27
C LYS B 139 17.49 45.12 -27.28
N GLN B 140 16.72 45.59 -28.28
CA GLN B 140 17.20 46.55 -29.29
C GLN B 140 17.61 47.88 -28.62
N LEU B 141 16.78 48.37 -27.67
CA LEU B 141 17.06 49.63 -26.94
C LEU B 141 18.32 49.50 -26.08
N VAL B 142 18.48 48.35 -25.38
CA VAL B 142 19.65 48.11 -24.52
C VAL B 142 20.92 48.00 -25.36
N GLU B 143 20.85 47.30 -26.52
CA GLU B 143 21.99 47.16 -27.44
C GLU B 143 22.44 48.52 -27.98
N GLN B 144 21.46 49.42 -28.24
CA GLN B 144 21.73 50.80 -28.67
C GLN B 144 22.45 51.61 -27.58
N GLY B 145 21.97 51.48 -26.34
CA GLY B 145 22.54 52.15 -25.17
C GLY B 145 23.95 51.72 -24.81
N ILE B 146 24.26 50.43 -25.01
CA ILE B 146 25.62 49.90 -24.79
C ILE B 146 26.56 50.44 -25.88
N ALA B 147 26.07 50.46 -27.14
CA ALA B 147 26.83 50.94 -28.31
C ALA B 147 27.24 52.41 -28.18
N ASP B 148 26.33 53.28 -27.68
CA ASP B 148 26.62 54.71 -27.53
C ASP B 148 27.31 55.09 -26.20
N GLY B 149 27.70 54.07 -25.43
CA GLY B 149 28.44 54.26 -24.18
C GLY B 149 27.66 54.81 -23.00
N SER B 150 26.32 54.86 -23.11
CA SER B 150 25.48 55.36 -22.00
C SER B 150 25.25 54.28 -20.94
N LEU B 151 25.20 52.99 -21.34
CA LEU B 151 24.98 51.88 -20.41
C LEU B 151 26.28 51.18 -20.04
N VAL B 152 26.24 50.35 -18.95
CA VAL B 152 27.40 49.58 -18.48
C VAL B 152 27.95 48.71 -19.65
N PRO B 153 29.27 48.79 -19.95
CA PRO B 153 29.79 48.07 -21.13
C PRO B 153 29.65 46.54 -21.08
N ASP B 154 29.78 45.94 -19.89
CA ASP B 154 29.69 44.48 -19.72
C ASP B 154 28.24 43.95 -19.58
N LEU B 155 27.24 44.85 -19.70
CA LEU B 155 25.82 44.50 -19.55
C LEU B 155 25.35 43.52 -20.62
N ASP B 156 24.65 42.44 -20.21
CA ASP B 156 24.07 41.49 -21.13
C ASP B 156 22.70 42.01 -21.57
N ALA B 157 22.56 42.33 -22.87
CA ALA B 157 21.32 42.91 -23.43
C ALA B 157 20.10 42.03 -23.21
N ASP B 158 20.25 40.70 -23.38
CA ASP B 158 19.16 39.74 -23.18
C ASP B 158 18.65 39.78 -21.73
N THR B 159 19.59 39.79 -20.75
CA THR B 159 19.27 39.82 -19.33
C THR B 159 18.56 41.15 -18.96
N ALA B 160 19.08 42.30 -19.45
CA ALA B 160 18.49 43.61 -19.19
C ALA B 160 17.09 43.71 -19.81
N ALA B 161 16.88 43.09 -21.01
CA ALA B 161 15.58 43.06 -21.69
C ALA B 161 14.59 42.23 -20.90
N PHE B 162 15.06 41.11 -20.28
CA PHE B 162 14.23 40.26 -19.43
C PHE B 162 13.69 41.06 -18.23
N VAL B 163 14.57 41.81 -17.54
CA VAL B 163 14.21 42.63 -16.38
C VAL B 163 13.21 43.71 -16.76
N LEU B 164 13.45 44.42 -17.88
CA LEU B 164 12.53 45.47 -18.37
C LEU B 164 11.17 44.87 -18.73
N ASN B 165 11.17 43.74 -19.47
CA ASN B 165 9.94 43.09 -19.91
C ASN B 165 9.04 42.62 -18.76
N VAL B 166 9.61 41.95 -17.72
CA VAL B 166 8.82 41.48 -16.57
C VAL B 166 8.25 42.65 -15.74
N VAL B 167 9.02 43.74 -15.64
CA VAL B 167 8.59 44.95 -14.92
C VAL B 167 7.43 45.63 -15.65
N PHE B 168 7.56 45.85 -16.98
CA PHE B 168 6.53 46.48 -17.81
C PHE B 168 5.24 45.64 -17.90
N THR B 169 5.37 44.31 -17.89
CA THR B 169 4.23 43.39 -17.96
C THR B 169 3.41 43.37 -16.67
N GLU B 170 4.09 43.48 -15.51
CA GLU B 170 3.44 43.31 -14.21
C GLU B 170 3.15 44.58 -13.40
N LEU B 171 3.77 45.73 -13.75
CA LEU B 171 3.58 46.95 -12.95
C LEU B 171 2.13 47.40 -12.77
N GLY B 172 1.37 47.45 -13.86
CA GLY B 172 -0.03 47.86 -13.84
C GLY B 172 -0.87 47.08 -12.84
N ASN B 173 -0.75 45.74 -12.86
CA ASN B 173 -1.46 44.85 -11.94
C ASN B 173 -1.05 45.13 -10.49
N HIS B 174 0.24 45.44 -10.26
CA HIS B 174 0.74 45.73 -8.92
C HIS B 174 0.22 47.05 -8.40
N LEU B 175 0.12 48.08 -9.27
CA LEU B 175 -0.42 49.41 -8.91
C LEU B 175 -1.86 49.30 -8.44
N ILE B 176 -2.68 48.50 -9.16
CA ILE B 176 -4.08 48.23 -8.80
C ILE B 176 -4.14 47.53 -7.45
N GLU B 177 -3.36 46.45 -7.30
CA GLU B 177 -3.29 45.65 -6.08
C GLU B 177 -2.91 46.51 -4.85
N ARG B 178 -1.98 47.46 -5.04
CA ARG B 178 -1.49 48.31 -3.97
C ARG B 178 -2.43 49.49 -3.65
N PHE B 179 -2.94 50.19 -4.68
CA PHE B 179 -3.70 51.43 -4.48
C PHE B 179 -5.23 51.33 -4.61
N ALA B 180 -5.73 50.41 -5.45
CA ALA B 180 -7.18 50.29 -5.65
C ALA B 180 -7.85 49.42 -4.57
N VAL B 181 -8.80 50.01 -3.80
CA VAL B 181 -9.53 49.30 -2.72
C VAL B 181 -10.49 48.26 -3.33
N ASN B 182 -11.50 48.73 -4.08
CA ASN B 182 -12.44 47.87 -4.79
CA ASN B 182 -12.43 47.86 -4.79
C ASN B 182 -12.24 48.12 -6.28
N PRO B 183 -11.25 47.41 -6.92
CA PRO B 183 -10.93 47.72 -8.32
C PRO B 183 -12.05 47.56 -9.31
N ALA B 184 -12.95 46.59 -9.10
CA ALA B 184 -14.06 46.31 -10.01
C ALA B 184 -14.89 47.57 -10.31
N GLU B 185 -15.40 48.24 -9.25
CA GLU B 185 -16.22 49.46 -9.38
CA GLU B 185 -16.21 49.46 -9.39
C GLU B 185 -15.37 50.66 -9.83
N LEU B 186 -14.14 50.78 -9.30
CA LEU B 186 -13.20 51.87 -9.61
C LEU B 186 -12.79 51.91 -11.08
N LEU B 187 -12.64 50.73 -11.72
CA LEU B 187 -12.29 50.64 -13.15
C LEU B 187 -13.52 50.87 -14.03
N ARG B 188 -14.70 50.34 -13.59
CA ARG B 188 -15.96 50.48 -14.33
CA ARG B 188 -15.96 50.48 -14.33
C ARG B 188 -16.41 51.94 -14.37
N GLU B 189 -16.40 52.64 -13.20
CA GLU B 189 -16.83 54.04 -13.09
C GLU B 189 -15.77 55.03 -13.64
N GLY B 190 -14.52 54.58 -13.75
CA GLY B 190 -13.41 55.39 -14.25
C GLY B 190 -12.73 56.25 -13.21
N GLY B 191 -12.87 55.87 -11.94
CA GLY B 191 -12.27 56.60 -10.82
C GLY B 191 -10.80 56.29 -10.58
N ILE B 192 -10.23 55.33 -11.34
CA ILE B 192 -8.82 54.92 -11.21
C ILE B 192 -7.84 56.11 -11.45
N VAL B 193 -8.28 57.10 -12.25
CA VAL B 193 -7.50 58.30 -12.59
C VAL B 193 -7.16 59.17 -11.36
N LEU B 194 -7.93 59.02 -10.26
CA LEU B 194 -7.70 59.79 -9.04
C LEU B 194 -6.51 59.25 -8.23
N LEU B 195 -5.96 58.08 -8.62
CA LEU B 195 -4.82 57.47 -7.94
C LEU B 195 -3.49 57.72 -8.67
N GLN B 196 -3.54 58.47 -9.80
CA GLN B 196 -2.36 58.82 -10.61
C GLN B 196 -1.19 59.49 -9.82
N PRO B 197 -1.45 60.43 -8.86
CA PRO B 197 -0.31 61.02 -8.11
C PRO B 197 0.55 59.98 -7.39
N ALA B 198 -0.10 59.00 -6.72
CA ALA B 198 0.62 57.96 -6.00
C ALA B 198 1.24 56.95 -6.96
N MSE B 199 0.59 56.74 -8.12
CA MSE B 199 1.06 55.77 -9.13
C MSE B 199 2.28 56.25 -9.91
O MSE B 199 3.13 55.43 -10.25
CB MSE B 199 -0.08 55.38 -10.07
CG MSE B 199 -1.12 54.49 -9.42
SE MSE B 199 -2.53 54.01 -10.63
CE MSE B 199 -3.58 52.92 -9.41
N ARG B 200 2.36 57.58 -10.22
CA ARG B 200 3.51 58.15 -10.94
C ARG B 200 4.77 58.09 -10.08
N ARG B 201 4.59 58.19 -8.75
CA ARG B 201 5.70 58.12 -7.80
C ARG B 201 6.36 56.74 -7.84
N VAL B 202 5.54 55.68 -8.01
CA VAL B 202 6.01 54.29 -8.13
C VAL B 202 6.69 54.08 -9.49
N ILE B 203 6.08 54.62 -10.57
CA ILE B 203 6.63 54.55 -11.92
C ILE B 203 8.02 55.19 -11.97
N GLU B 204 8.19 56.36 -11.31
CA GLU B 204 9.47 57.06 -11.23
C GLU B 204 10.50 56.24 -10.42
N GLN B 205 10.06 55.66 -9.28
CA GLN B 205 10.90 54.79 -8.43
C GLN B 205 11.41 53.58 -9.22
N VAL B 206 10.52 52.95 -10.01
CA VAL B 206 10.86 51.79 -10.86
C VAL B 206 11.95 52.15 -11.86
N ILE B 207 11.79 53.29 -12.57
CA ILE B 207 12.77 53.77 -13.55
C ILE B 207 14.11 54.12 -12.88
N ASP B 208 14.08 54.75 -11.67
CA ASP B 208 15.28 55.09 -10.92
C ASP B 208 16.11 53.84 -10.59
N ILE B 209 15.44 52.73 -10.19
CA ILE B 209 16.11 51.46 -9.88
C ILE B 209 16.78 50.91 -11.14
N LEU B 210 16.05 50.88 -12.28
CA LEU B 210 16.57 50.38 -13.56
C LEU B 210 17.69 51.27 -14.10
N GLU B 211 17.58 52.59 -13.90
CA GLU B 211 18.58 53.57 -14.33
C GLU B 211 19.91 53.38 -13.58
N ARG B 212 19.85 53.31 -12.23
CA ARG B 212 21.06 53.12 -11.41
C ARG B 212 21.70 51.76 -11.70
N GLY B 213 20.87 50.75 -11.97
CA GLY B 213 21.33 49.40 -12.24
C GLY B 213 21.96 49.19 -13.60
N MSE B 214 21.56 50.01 -14.61
CA MSE B 214 22.03 49.82 -16.00
C MSE B 214 22.93 50.92 -16.55
O MSE B 214 23.78 50.63 -17.40
CB MSE B 214 20.84 49.59 -16.94
CG MSE B 214 20.03 48.36 -16.62
SE MSE B 214 18.52 48.17 -17.79
CE MSE B 214 17.62 46.77 -16.85
N ARG B 215 22.68 52.20 -16.18
CA ARG B 215 23.44 53.32 -16.74
C ARG B 215 24.90 53.35 -16.26
N ARG B 216 25.83 53.76 -17.17
CA ARG B 216 27.27 53.83 -16.91
C ARG B 216 27.60 54.69 -15.68
N ARG B 217 28.63 54.28 -14.92
CA ARG B 217 29.06 54.99 -13.71
C ARG B 217 29.82 56.28 -14.07
N GLY C 1 -10.36 19.23 1.67
CA GLY C 1 -10.21 17.98 2.41
C GLY C 1 -8.88 17.28 2.17
N MSE C 2 -8.60 16.24 2.97
CA MSE C 2 -7.36 15.45 2.89
C MSE C 2 -7.56 14.21 2.00
O MSE C 2 -8.68 13.71 1.93
CB MSE C 2 -6.92 15.02 4.31
CG MSE C 2 -6.35 16.16 5.16
SE MSE C 2 -4.67 16.87 4.48
CE MSE C 2 -3.53 15.25 4.69
N PRO C 3 -6.49 13.65 1.38
CA PRO C 3 -6.65 12.41 0.61
C PRO C 3 -7.12 11.26 1.50
N THR C 4 -7.88 10.31 0.95
CA THR C 4 -8.44 9.19 1.72
C THR C 4 -7.35 8.27 2.25
N GLU C 5 -7.67 7.48 3.28
CA GLU C 5 -6.76 6.50 3.85
C GLU C 5 -6.48 5.37 2.86
N THR C 6 -7.40 5.17 1.89
CA THR C 6 -7.26 4.17 0.82
C THR C 6 -6.06 4.55 -0.07
N PHE C 7 -5.90 5.86 -0.36
CA PHE C 7 -4.78 6.39 -1.14
C PHE C 7 -3.47 6.19 -0.39
N PHE C 8 -3.45 6.51 0.92
CA PHE C 8 -2.25 6.38 1.75
C PHE C 8 -1.87 4.92 2.02
N ASN C 9 -2.88 4.00 2.04
CA ASN C 9 -2.63 2.59 2.29
C ASN C 9 -2.29 1.80 1.01
N LEU C 10 -2.14 2.50 -0.14
CA LEU C 10 -1.75 1.89 -1.41
C LEU C 10 -0.30 1.39 -1.33
N PRO C 11 0.05 0.29 -2.04
CA PRO C 11 1.47 -0.10 -2.11
C PRO C 11 2.29 1.00 -2.80
N GLU C 12 3.51 1.29 -2.29
CA GLU C 12 4.36 2.37 -2.78
C GLU C 12 4.49 2.45 -4.31
N GLU C 13 4.64 1.29 -4.99
CA GLU C 13 4.75 1.22 -6.46
C GLU C 13 3.47 1.76 -7.17
N LYS C 14 2.29 1.39 -6.65
CA LYS C 14 1.00 1.84 -7.20
C LYS C 14 0.75 3.33 -6.92
N ARG C 15 1.09 3.81 -5.70
CA ARG C 15 0.91 5.21 -5.32
C ARG C 15 1.82 6.15 -6.15
N SER C 16 3.10 5.73 -6.35
CA SER C 16 4.08 6.51 -7.12
CA SER C 16 4.06 6.52 -7.12
C SER C 16 3.64 6.64 -8.59
N ARG C 17 3.06 5.56 -9.14
CA ARG C 17 2.58 5.52 -10.52
C ARG C 17 1.39 6.50 -10.70
N LEU C 18 0.50 6.58 -9.69
CA LEU C 18 -0.65 7.48 -9.68
C LEU C 18 -0.21 8.95 -9.55
N ILE C 19 0.71 9.24 -8.61
CA ILE C 19 1.25 10.60 -8.41
C ILE C 19 1.91 11.13 -9.68
N ASP C 20 2.68 10.27 -10.39
CA ASP C 20 3.33 10.60 -11.66
C ASP C 20 2.29 11.02 -12.72
N VAL C 21 1.15 10.29 -12.79
CA VAL C 21 0.04 10.58 -13.72
C VAL C 21 -0.64 11.91 -13.32
N LEU C 22 -0.90 12.11 -12.01
CA LEU C 22 -1.52 13.32 -11.47
C LEU C 22 -0.65 14.56 -11.71
N LEU C 23 0.71 14.41 -11.57
CA LEU C 23 1.66 15.50 -11.83
C LEU C 23 1.62 15.94 -13.28
N ASP C 24 1.66 14.97 -14.22
CA ASP C 24 1.60 15.25 -15.66
C ASP C 24 0.31 15.96 -16.04
N GLU C 25 -0.85 15.45 -15.58
CA GLU C 25 -2.17 16.01 -15.88
C GLU C 25 -2.35 17.46 -15.37
N PHE C 26 -1.96 17.73 -14.13
CA PHE C 26 -2.11 19.06 -13.55
C PHE C 26 -1.07 20.08 -14.04
N ALA C 27 0.09 19.61 -14.55
CA ALA C 27 1.13 20.50 -15.07
C ALA C 27 0.91 20.82 -16.55
N GLN C 28 0.40 19.83 -17.32
CA GLN C 28 0.17 19.98 -18.77
C GLN C 28 -1.16 20.67 -19.10
N ASN C 29 -2.10 20.73 -18.12
CA ASN C 29 -3.43 21.31 -18.35
C ASN C 29 -3.84 22.30 -17.26
N ASP C 30 -4.73 23.26 -17.60
CA ASP C 30 -5.28 24.21 -16.64
C ASP C 30 -6.30 23.49 -15.75
N TYR C 31 -6.52 23.98 -14.52
CA TYR C 31 -7.42 23.34 -13.55
C TYR C 31 -8.78 22.91 -14.15
N ASP C 32 -9.45 23.81 -14.91
CA ASP C 32 -10.75 23.55 -15.54
CA ASP C 32 -10.76 23.51 -15.52
C ASP C 32 -10.65 22.54 -16.70
N SER C 33 -9.45 22.41 -17.30
CA SER C 33 -9.22 21.49 -18.43
C SER C 33 -8.72 20.08 -17.97
N VAL C 34 -8.54 19.88 -16.64
CA VAL C 34 -8.08 18.61 -16.07
C VAL C 34 -9.17 17.53 -16.22
N SER C 35 -8.81 16.37 -16.80
CA SER C 35 -9.74 15.27 -17.03
C SER C 35 -9.49 14.10 -16.07
N ILE C 36 -10.51 13.78 -15.25
CA ILE C 36 -10.45 12.67 -14.29
C ILE C 36 -10.36 11.32 -15.02
N ASN C 37 -11.07 11.19 -16.16
CA ASN C 37 -11.06 9.97 -16.98
C ASN C 37 -9.70 9.74 -17.63
N ARG C 38 -9.00 10.83 -18.00
CA ARG C 38 -7.65 10.73 -18.59
C ARG C 38 -6.66 10.24 -17.52
N ILE C 39 -6.88 10.63 -16.24
CA ILE C 39 -6.07 10.18 -15.10
C ILE C 39 -6.22 8.67 -14.90
N THR C 40 -7.47 8.18 -14.80
CA THR C 40 -7.75 6.75 -14.59
C THR C 40 -7.28 5.89 -15.77
N GLU C 41 -7.37 6.42 -17.01
CA GLU C 41 -6.94 5.73 -18.23
C GLU C 41 -5.40 5.58 -18.26
N ARG C 42 -4.67 6.68 -17.97
CA ARG C 42 -3.20 6.68 -17.95
C ARG C 42 -2.63 5.92 -16.74
N ALA C 43 -3.34 5.97 -15.59
CA ALA C 43 -2.90 5.27 -14.37
C ALA C 43 -3.19 3.76 -14.44
N GLY C 44 -4.01 3.36 -15.41
CA GLY C 44 -4.39 1.97 -15.62
C GLY C 44 -5.28 1.44 -14.53
N ILE C 45 -6.24 2.28 -14.06
CA ILE C 45 -7.18 1.92 -12.99
C ILE C 45 -8.64 1.97 -13.48
N ALA C 46 -9.58 1.45 -12.68
CA ALA C 46 -11.01 1.42 -13.02
C ALA C 46 -11.58 2.82 -13.21
N LYS C 47 -12.57 2.95 -14.10
CA LYS C 47 -13.24 4.23 -14.34
C LYS C 47 -14.12 4.56 -13.12
N GLY C 48 -13.94 5.77 -12.58
CA GLY C 48 -14.67 6.21 -11.39
C GLY C 48 -13.97 5.91 -10.09
N SER C 49 -12.78 5.26 -10.15
CA SER C 49 -12.03 4.86 -8.96
C SER C 49 -11.19 6.00 -8.36
N PHE C 50 -11.10 7.16 -9.07
CA PHE C 50 -10.37 8.35 -8.61
C PHE C 50 -10.94 8.86 -7.28
N TYR C 51 -12.27 8.77 -7.11
CA TYR C 51 -12.98 9.25 -5.93
C TYR C 51 -12.78 8.36 -4.69
N GLN C 52 -12.06 7.24 -4.86
CA GLN C 52 -11.69 6.36 -3.75
C GLN C 52 -10.35 6.80 -3.15
N TYR C 53 -9.63 7.72 -3.84
CA TYR C 53 -8.36 8.27 -3.37
C TYR C 53 -8.50 9.74 -2.96
N PHE C 54 -9.35 10.50 -3.69
CA PHE C 54 -9.60 11.93 -3.40
C PHE C 54 -11.10 12.23 -3.48
N ALA C 55 -11.67 12.92 -2.47
CA ALA C 55 -13.12 13.22 -2.44
C ALA C 55 -13.58 13.98 -3.70
N ASP C 56 -12.74 14.91 -4.20
CA ASP C 56 -13.01 15.67 -5.42
C ASP C 56 -11.70 16.14 -6.08
N LYS C 57 -11.79 16.86 -7.22
CA LYS C 57 -10.61 17.39 -7.94
C LYS C 57 -9.86 18.41 -7.08
N LYS C 58 -10.62 19.22 -6.27
CA LYS C 58 -10.10 20.24 -5.36
C LYS C 58 -9.11 19.65 -4.35
N ASP C 59 -9.50 18.53 -3.67
CA ASP C 59 -8.66 17.82 -2.70
C ASP C 59 -7.35 17.36 -3.33
N CYS C 60 -7.42 16.83 -4.56
CA CYS C 60 -6.26 16.35 -5.28
C CYS C 60 -5.31 17.50 -5.61
N TYR C 61 -5.86 18.65 -6.06
CA TYR C 61 -5.07 19.83 -6.40
C TYR C 61 -4.36 20.38 -5.16
N LEU C 62 -5.08 20.44 -4.00
CA LEU C 62 -4.52 20.93 -2.74
C LEU C 62 -3.36 20.05 -2.28
N TYR C 63 -3.48 18.72 -2.49
CA TYR C 63 -2.44 17.75 -2.13
C TYR C 63 -1.17 17.98 -2.95
N LEU C 64 -1.32 18.28 -4.25
CA LEU C 64 -0.18 18.53 -5.13
C LEU C 64 0.48 19.90 -4.83
N ILE C 65 -0.32 20.91 -4.45
CA ILE C 65 0.18 22.24 -4.08
C ILE C 65 0.99 22.15 -2.76
N GLN C 66 0.46 21.40 -1.76
CA GLN C 66 1.14 21.19 -0.47
C GLN C 66 2.41 20.36 -0.66
N LEU C 67 2.40 19.42 -1.63
CA LEU C 67 3.55 18.58 -1.95
C LEU C 67 4.70 19.44 -2.52
N GLY C 68 4.35 20.43 -3.35
CA GLY C 68 5.32 21.37 -3.91
C GLY C 68 5.93 22.30 -2.87
N ILE C 69 5.09 22.79 -1.93
CA ILE C 69 5.52 23.66 -0.84
C ILE C 69 6.49 22.91 0.09
N GLU C 70 6.11 21.68 0.53
CA GLU C 70 6.95 20.84 1.41
C GLU C 70 8.29 20.48 0.73
N GLN C 71 8.25 20.15 -0.60
CA GLN C 71 9.46 19.79 -1.35
CA GLN C 71 9.45 19.78 -1.38
C GLN C 71 10.42 20.96 -1.48
N LYS C 72 9.89 22.19 -1.71
CA LYS C 72 10.71 23.41 -1.84
C LYS C 72 11.39 23.79 -0.53
N THR C 73 10.67 23.68 0.62
CA THR C 73 11.22 23.98 1.94
C THR C 73 12.29 22.96 2.34
N ALA C 74 12.07 21.67 2.00
CA ALA C 74 13.04 20.59 2.26
C ALA C 74 14.30 20.76 1.38
N PHE C 75 14.12 21.29 0.15
CA PHE C 75 15.23 21.53 -0.78
C PHE C 75 16.06 22.72 -0.28
N LEU C 76 15.38 23.75 0.24
CA LEU C 76 15.96 24.97 0.78
C LEU C 76 16.82 24.69 2.02
N ARG C 77 16.39 23.72 2.87
CA ARG C 77 17.10 23.35 4.10
C ARG C 77 18.27 22.39 3.82
N GLN C 78 18.18 21.59 2.72
CA GLN C 78 19.22 20.62 2.36
C GLN C 78 20.37 21.26 1.57
N THR C 79 20.14 22.48 1.04
CA THR C 79 21.16 23.21 0.28
C THR C 79 22.16 23.85 1.26
N PRO C 80 23.51 23.75 0.99
CA PRO C 80 24.48 24.40 1.89
C PRO C 80 24.20 25.90 2.02
N PRO C 81 24.08 26.41 3.27
CA PRO C 81 23.68 27.82 3.44
C PRO C 81 24.74 28.83 3.01
N ALA C 82 24.32 30.08 2.79
CA ALA C 82 25.24 31.15 2.42
C ALA C 82 26.00 31.65 3.64
N SER C 83 27.34 31.71 3.55
CA SER C 83 28.18 32.22 4.62
C SER C 83 28.48 33.69 4.32
N THR C 84 27.46 34.55 4.46
CA THR C 84 27.56 35.98 4.13
C THR C 84 26.65 36.85 5.02
N THR C 85 26.93 38.16 5.05
CA THR C 85 26.10 39.13 5.77
C THR C 85 25.52 40.13 4.76
N ASP C 86 25.92 40.00 3.48
CA ASP C 86 25.49 40.89 2.40
C ASP C 86 24.15 40.42 1.84
N MSE C 87 23.20 41.35 1.70
CA MSE C 87 21.87 41.05 1.20
C MSE C 87 21.89 40.53 -0.24
O MSE C 87 21.16 39.60 -0.56
CB MSE C 87 20.95 42.29 1.30
CG MSE C 87 19.47 41.96 1.14
SE MSE C 87 18.40 43.52 0.93
CE MSE C 87 18.70 43.84 -0.89
N PHE C 88 22.74 41.13 -1.11
CA PHE C 88 22.84 40.73 -2.51
C PHE C 88 23.54 39.40 -2.71
N ALA C 89 24.52 39.08 -1.82
CA ALA C 89 25.19 37.78 -1.84
C ALA C 89 24.19 36.71 -1.39
N TYR C 90 23.27 37.05 -0.46
CA TYR C 90 22.21 36.15 -0.01
C TYR C 90 21.16 35.96 -1.10
N LEU C 91 20.79 37.07 -1.81
CA LEU C 91 19.79 37.03 -2.88
C LEU C 91 20.25 36.21 -4.07
N ARG C 92 21.58 36.17 -4.32
CA ARG C 92 22.16 35.33 -5.38
C ARG C 92 21.94 33.86 -4.99
N TRP C 93 22.21 33.52 -3.71
CA TRP C 93 22.03 32.17 -3.17
C TRP C 93 20.55 31.76 -3.24
N LEU C 94 19.63 32.64 -2.80
CA LEU C 94 18.19 32.39 -2.80
C LEU C 94 17.64 32.22 -4.22
N LEU C 95 18.15 33.00 -5.19
CA LEU C 95 17.76 32.90 -6.60
C LEU C 95 18.25 31.56 -7.17
N ASP C 96 19.48 31.16 -6.79
CA ASP C 96 20.10 29.91 -7.21
C ASP C 96 19.32 28.69 -6.71
N VAL C 97 18.97 28.68 -5.40
CA VAL C 97 18.23 27.57 -4.80
C VAL C 97 16.80 27.42 -5.40
N GLY C 98 16.15 28.54 -5.70
CA GLY C 98 14.83 28.56 -6.32
C GLY C 98 14.84 28.01 -7.73
N ILE C 99 15.87 28.36 -8.51
CA ILE C 99 16.04 27.88 -9.89
C ILE C 99 16.37 26.37 -9.88
N GLN C 100 17.31 25.95 -8.98
CA GLN C 100 17.71 24.55 -8.81
CA GLN C 100 17.68 24.54 -8.85
C GLN C 100 16.48 23.67 -8.51
N PHE C 101 15.56 24.17 -7.67
CA PHE C 101 14.36 23.42 -7.31
C PHE C 101 13.48 23.21 -8.54
N GLN C 102 13.27 24.29 -9.34
CA GLN C 102 12.46 24.24 -10.56
CA GLN C 102 12.47 24.24 -10.57
C GLN C 102 13.07 23.24 -11.56
N PHE C 103 14.41 23.26 -11.69
CA PHE C 103 15.16 22.40 -12.61
C PHE C 103 15.14 20.91 -12.23
N HIS C 104 14.98 20.60 -10.93
CA HIS C 104 14.92 19.21 -10.44
C HIS C 104 13.49 18.72 -10.24
N ASN C 105 12.52 19.66 -10.08
CA ASN C 105 11.11 19.32 -9.90
C ASN C 105 10.24 20.14 -10.89
N PRO C 106 10.39 19.89 -12.21
CA PRO C 106 9.70 20.75 -13.20
C PRO C 106 8.18 20.72 -13.16
N ARG C 107 7.59 19.55 -12.85
CA ARG C 107 6.14 19.40 -12.83
C ARG C 107 5.48 20.01 -11.60
N LEU C 108 6.03 19.75 -10.38
CA LEU C 108 5.53 20.39 -9.14
C LEU C 108 5.65 21.91 -9.28
N ALA C 109 6.79 22.39 -9.83
CA ALA C 109 7.04 23.82 -10.06
C ALA C 109 6.04 24.41 -11.04
N GLN C 110 5.75 23.70 -12.15
CA GLN C 110 4.79 24.16 -13.14
C GLN C 110 3.37 24.24 -12.57
N ILE C 111 3.01 23.34 -11.63
CA ILE C 111 1.70 23.38 -10.95
C ILE C 111 1.64 24.62 -10.04
N ALA C 112 2.74 24.89 -9.29
CA ALA C 112 2.84 26.04 -8.39
C ALA C 112 2.86 27.38 -9.15
N TYR C 113 3.48 27.39 -10.35
CA TYR C 113 3.58 28.59 -11.20
C TYR C 113 2.22 28.99 -11.77
N LYS C 114 1.41 27.99 -12.21
CA LYS C 114 0.09 28.24 -12.78
C LYS C 114 -0.90 28.80 -11.74
N ALA C 115 -0.72 28.41 -10.45
CA ALA C 115 -1.56 28.87 -9.34
C ALA C 115 -1.52 30.40 -9.17
N LEU C 116 -0.42 31.05 -9.61
CA LEU C 116 -0.24 32.51 -9.54
C LEU C 116 -1.18 33.26 -10.48
N TYR C 117 -1.60 32.61 -11.59
CA TYR C 117 -2.40 33.26 -12.64
C TYR C 117 -3.78 32.65 -12.83
N ASP C 118 -3.85 31.31 -12.83
CA ASP C 118 -5.11 30.60 -13.10
C ASP C 118 -6.10 30.65 -11.95
N ASP C 119 -7.42 30.58 -12.26
CA ASP C 119 -8.49 30.56 -11.25
C ASP C 119 -8.55 29.16 -10.63
N VAL C 120 -7.75 28.96 -9.56
CA VAL C 120 -7.66 27.67 -8.88
C VAL C 120 -8.35 27.71 -7.50
N PRO C 121 -9.00 26.61 -7.07
CA PRO C 121 -9.69 26.64 -5.77
C PRO C 121 -8.77 26.29 -4.61
N LEU C 122 -8.10 27.30 -4.07
CA LEU C 122 -7.22 27.12 -2.92
C LEU C 122 -7.76 27.90 -1.72
N PRO C 123 -7.58 27.38 -0.48
CA PRO C 123 -8.09 28.13 0.69
C PRO C 123 -7.39 29.49 0.85
N ALA C 124 -8.02 30.42 1.57
CA ALA C 124 -7.49 31.77 1.80
C ALA C 124 -6.03 31.77 2.30
N GLU C 125 -5.71 30.87 3.28
CA GLU C 125 -4.36 30.75 3.86
CA GLU C 125 -4.36 30.75 3.86
C GLU C 125 -3.33 30.31 2.80
N THR C 126 -3.70 29.32 1.95
CA THR C 126 -2.81 28.80 0.91
C THR C 126 -2.62 29.82 -0.22
N MSE C 127 -3.72 30.47 -0.68
CA MSE C 127 -3.69 31.46 -1.76
C MSE C 127 -2.81 32.65 -1.41
O MSE C 127 -2.11 33.17 -2.29
CB MSE C 127 -5.12 31.92 -2.10
CG MSE C 127 -5.25 32.55 -3.49
SE MSE C 127 -4.62 31.36 -4.92
CE MSE C 127 -6.23 31.35 -6.01
N GLN C 128 -2.80 33.08 -0.13
CA GLN C 128 -1.98 34.20 0.35
C GLN C 128 -0.49 33.87 0.29
N VAL C 129 -0.12 32.64 0.74
CA VAL C 129 1.28 32.18 0.73
C VAL C 129 1.82 32.05 -0.70
N ILE C 130 1.02 31.44 -1.62
CA ILE C 130 1.38 31.23 -3.03
C ILE C 130 1.59 32.56 -3.77
N ARG C 131 0.61 33.48 -3.67
CA ARG C 131 0.62 34.73 -4.44
C ARG C 131 1.29 35.95 -3.77
N HIS C 132 1.45 35.95 -2.44
CA HIS C 132 2.01 37.13 -1.75
C HIS C 132 3.12 36.81 -0.74
N GLY C 133 3.40 35.52 -0.53
CA GLY C 133 4.41 35.06 0.43
C GLY C 133 5.81 35.56 0.15
N SER C 134 6.31 35.32 -1.08
CA SER C 134 7.65 35.74 -1.48
C SER C 134 7.81 37.28 -1.51
N PHE C 135 6.79 38.01 -2.02
CA PHE C 135 6.80 39.48 -2.06
C PHE C 135 6.97 40.06 -0.64
N ALA C 136 6.21 39.52 0.34
CA ALA C 136 6.26 39.96 1.73
C ALA C 136 7.67 39.75 2.34
N TYR C 137 8.35 38.64 1.96
CA TYR C 137 9.70 38.35 2.44
C TYR C 137 10.73 39.34 1.88
N PHE C 138 10.64 39.64 0.56
CA PHE C 138 11.53 40.61 -0.10
C PHE C 138 11.36 42.01 0.49
N LYS C 139 10.10 42.41 0.79
CA LYS C 139 9.80 43.71 1.39
C LYS C 139 10.47 43.83 2.76
N GLN C 140 10.43 42.74 3.56
CA GLN C 140 11.08 42.68 4.87
C GLN C 140 12.60 42.85 4.73
N LEU C 141 13.22 42.17 3.72
CA LEU C 141 14.67 42.26 3.46
C LEU C 141 15.07 43.66 3.03
N VAL C 142 14.27 44.31 2.16
CA VAL C 142 14.55 45.67 1.67
C VAL C 142 14.42 46.68 2.81
N GLU C 143 13.37 46.54 3.66
CA GLU C 143 13.18 47.41 4.85
C GLU C 143 14.36 47.31 5.82
N GLN C 144 14.91 46.08 5.97
CA GLN C 144 16.10 45.83 6.81
C GLN C 144 17.34 46.52 6.23
N GLY C 145 17.51 46.42 4.91
CA GLY C 145 18.63 47.02 4.19
C GLY C 145 18.65 48.53 4.21
N ILE C 146 17.46 49.16 4.17
CA ILE C 146 17.33 50.62 4.26
C ILE C 146 17.67 51.07 5.69
N ALA C 147 17.19 50.30 6.70
CA ALA C 147 17.41 50.58 8.12
C ALA C 147 18.90 50.55 8.50
N ASP C 148 19.67 49.57 7.96
CA ASP C 148 21.10 49.45 8.28
C ASP C 148 22.02 50.28 7.37
N GLY C 149 21.42 51.14 6.54
CA GLY C 149 22.14 52.07 5.69
C GLY C 149 22.85 51.48 4.48
N SER C 150 22.59 50.20 4.17
CA SER C 150 23.23 49.57 3.01
C SER C 150 22.53 49.93 1.69
N LEU C 151 21.19 50.13 1.72
CA LEU C 151 20.41 50.47 0.53
C LEU C 151 20.13 51.97 0.43
N VAL C 152 19.72 52.46 -0.78
CA VAL C 152 19.38 53.87 -1.03
C VAL C 152 18.32 54.35 -0.01
N PRO C 153 18.56 55.49 0.70
CA PRO C 153 17.62 55.90 1.77
C PRO C 153 16.20 56.20 1.30
N ASP C 154 16.04 56.78 0.10
CA ASP C 154 14.72 57.16 -0.44
C ASP C 154 13.98 56.00 -1.15
N LEU C 155 14.59 54.79 -1.15
CA LEU C 155 14.03 53.61 -1.82
C LEU C 155 12.66 53.19 -1.25
N ASP C 156 11.68 52.95 -2.13
CA ASP C 156 10.38 52.45 -1.72
C ASP C 156 10.45 50.93 -1.61
N ALA C 157 10.29 50.39 -0.38
CA ALA C 157 10.40 48.95 -0.10
C ALA C 157 9.43 48.12 -0.92
N ASP C 158 8.16 48.58 -1.06
CA ASP C 158 7.13 47.88 -1.83
C ASP C 158 7.55 47.75 -3.31
N THR C 159 8.04 48.85 -3.90
CA THR C 159 8.48 48.90 -5.30
C THR C 159 9.68 47.96 -5.53
N ALA C 160 10.69 48.02 -4.62
CA ALA C 160 11.88 47.15 -4.70
C ALA C 160 11.50 45.67 -4.56
N ALA C 161 10.51 45.37 -3.68
CA ALA C 161 10.01 44.00 -3.47
C ALA C 161 9.30 43.50 -4.73
N PHE C 162 8.55 44.39 -5.42
CA PHE C 162 7.88 44.07 -6.68
C PHE C 162 8.91 43.63 -7.74
N VAL C 163 9.99 44.42 -7.92
CA VAL C 163 11.05 44.14 -8.89
C VAL C 163 11.75 42.81 -8.57
N LEU C 164 12.08 42.57 -7.29
CA LEU C 164 12.73 41.31 -6.87
C LEU C 164 11.79 40.11 -7.12
N ASN C 165 10.50 40.25 -6.74
CA ASN C 165 9.52 39.18 -6.87
C ASN C 165 9.28 38.74 -8.33
N VAL C 166 9.12 39.72 -9.26
CA VAL C 166 8.89 39.39 -10.68
C VAL C 166 10.12 38.74 -11.33
N VAL C 167 11.31 39.17 -10.92
CA VAL C 167 12.58 38.62 -11.41
C VAL C 167 12.76 37.17 -10.93
N PHE C 168 12.55 36.92 -9.62
CA PHE C 168 12.68 35.58 -9.02
C PHE C 168 11.64 34.58 -9.56
N THR C 169 10.43 35.06 -9.85
CA THR C 169 9.33 34.25 -10.36
C THR C 169 9.58 33.80 -11.83
N GLU C 170 10.18 34.68 -12.65
CA GLU C 170 10.30 34.44 -14.08
C GLU C 170 11.68 34.02 -14.60
N LEU C 171 12.76 34.19 -13.80
CA LEU C 171 14.11 33.90 -14.30
C LEU C 171 14.32 32.49 -14.84
N GLY C 172 13.89 31.48 -14.08
CA GLY C 172 14.02 30.08 -14.48
C GLY C 172 13.44 29.77 -15.84
N ASN C 173 12.21 30.26 -16.08
CA ASN C 173 11.53 30.08 -17.38
C ASN C 173 12.30 30.77 -18.51
N HIS C 174 12.88 31.95 -18.23
CA HIS C 174 13.67 32.68 -19.22
C HIS C 174 14.97 31.96 -19.56
N LEU C 175 15.63 31.36 -18.55
CA LEU C 175 16.86 30.58 -18.72
C LEU C 175 16.64 29.39 -19.65
N ILE C 176 15.50 28.69 -19.49
CA ILE C 176 15.11 27.56 -20.35
C ILE C 176 14.85 28.06 -21.77
N GLU C 177 14.05 29.14 -21.90
CA GLU C 177 13.70 29.74 -23.18
C GLU C 177 14.96 30.17 -23.96
N ARG C 178 15.97 30.71 -23.24
CA ARG C 178 17.21 31.20 -23.85
C ARG C 178 18.21 30.08 -24.18
N PHE C 179 18.43 29.13 -23.24
CA PHE C 179 19.48 28.12 -23.38
C PHE C 179 19.06 26.71 -23.82
N ALA C 180 17.82 26.28 -23.46
CA ALA C 180 17.32 24.95 -23.83
C ALA C 180 16.84 24.90 -25.28
N VAL C 181 17.45 24.01 -26.09
CA VAL C 181 17.20 23.83 -27.52
C VAL C 181 15.71 23.68 -27.86
N ASN C 182 15.00 22.75 -27.22
CA ASN C 182 13.56 22.59 -27.42
C ASN C 182 12.81 22.80 -26.08
N PRO C 183 12.44 24.08 -25.75
CA PRO C 183 11.74 24.34 -24.47
C PRO C 183 10.36 23.69 -24.40
N ALA C 184 9.66 23.64 -25.54
CA ALA C 184 8.33 23.04 -25.68
C ALA C 184 8.33 21.55 -25.29
N GLU C 185 9.29 20.77 -25.86
CA GLU C 185 9.43 19.34 -25.58
C GLU C 185 9.94 19.08 -24.15
N LEU C 186 10.89 19.91 -23.68
CA LEU C 186 11.48 19.78 -22.34
C LEU C 186 10.43 19.94 -21.22
N LEU C 187 9.48 20.89 -21.39
CA LEU C 187 8.42 21.13 -20.40
C LEU C 187 7.34 20.05 -20.47
N ARG C 188 7.02 19.57 -21.69
CA ARG C 188 6.02 18.52 -21.89
C ARG C 188 6.50 17.17 -21.35
N GLU C 189 7.74 16.77 -21.67
CA GLU C 189 8.31 15.49 -21.22
C GLU C 189 8.67 15.49 -19.73
N GLY C 190 8.64 16.67 -19.09
CA GLY C 190 9.01 16.84 -17.70
C GLY C 190 10.46 16.52 -17.44
N GLY C 191 11.30 16.86 -18.41
CA GLY C 191 12.73 16.60 -18.36
C GLY C 191 13.47 17.46 -17.35
N ILE C 192 14.54 16.89 -16.75
CA ILE C 192 15.39 17.58 -15.77
C ILE C 192 16.29 18.59 -16.51
N VAL C 193 16.33 19.84 -16.03
CA VAL C 193 17.16 20.89 -16.63
C VAL C 193 18.51 20.93 -15.90
N LEU C 194 19.61 20.81 -16.64
CA LEU C 194 20.96 20.87 -16.04
C LEU C 194 21.46 22.31 -16.00
N LEU C 195 21.73 22.83 -14.78
CA LEU C 195 22.23 24.20 -14.63
C LEU C 195 23.62 24.29 -15.24
N GLN C 196 23.75 25.11 -16.31
CA GLN C 196 25.02 25.26 -17.03
CA GLN C 196 25.01 25.27 -17.04
C GLN C 196 25.72 26.57 -16.64
N PRO C 197 27.07 26.68 -16.85
CA PRO C 197 27.77 27.92 -16.47
C PRO C 197 27.15 29.21 -17.03
N ALA C 198 26.74 29.20 -18.32
CA ALA C 198 26.14 30.37 -18.99
C ALA C 198 24.88 30.88 -18.25
N MSE C 199 24.14 29.96 -17.61
CA MSE C 199 22.95 30.29 -16.82
C MSE C 199 23.35 30.98 -15.53
O MSE C 199 22.70 31.94 -15.12
CB MSE C 199 22.15 29.02 -16.51
CG MSE C 199 21.45 28.44 -17.72
SE MSE C 199 20.67 26.75 -17.31
CE MSE C 199 19.60 26.51 -18.85
N ARG C 200 24.43 30.47 -14.87
CA ARG C 200 24.95 31.03 -13.61
C ARG C 200 25.46 32.45 -13.85
N ARG C 201 26.02 32.70 -15.05
CA ARG C 201 26.51 34.00 -15.46
C ARG C 201 25.34 34.99 -15.64
N VAL C 202 24.15 34.49 -16.04
CA VAL C 202 22.94 35.32 -16.16
C VAL C 202 22.42 35.67 -14.75
N ILE C 203 22.45 34.68 -13.82
CA ILE C 203 22.04 34.85 -12.42
C ILE C 203 22.89 35.96 -11.76
N GLU C 204 24.23 35.95 -12.01
CA GLU C 204 25.14 36.97 -11.50
C GLU C 204 24.84 38.34 -12.14
N GLN C 205 24.57 38.37 -13.48
CA GLN C 205 24.20 39.59 -14.20
C GLN C 205 22.93 40.22 -13.61
N VAL C 206 21.91 39.38 -13.31
CA VAL C 206 20.63 39.81 -12.72
C VAL C 206 20.86 40.47 -11.35
N ILE C 207 21.66 39.82 -10.48
CA ILE C 207 21.99 40.37 -9.15
C ILE C 207 22.78 41.68 -9.26
N ASP C 208 23.73 41.77 -10.23
CA ASP C 208 24.52 42.99 -10.47
C ASP C 208 23.63 44.17 -10.81
N ILE C 209 22.60 43.96 -11.65
CA ILE C 209 21.65 45.00 -12.03
C ILE C 209 20.86 45.48 -10.81
N LEU C 210 20.34 44.53 -10.00
CA LEU C 210 19.56 44.84 -8.80
C LEU C 210 20.44 45.51 -7.72
N GLU C 211 21.72 45.08 -7.61
CA GLU C 211 22.67 45.62 -6.66
C GLU C 211 22.99 47.09 -6.97
N ARG C 212 23.35 47.39 -8.24
CA ARG C 212 23.67 48.76 -8.66
C ARG C 212 22.45 49.67 -8.52
N GLY C 213 21.27 49.13 -8.78
CA GLY C 213 20.01 49.87 -8.71
C GLY C 213 19.52 50.17 -7.32
N MSE C 214 19.86 49.31 -6.33
CA MSE C 214 19.34 49.46 -4.96
C MSE C 214 20.36 49.83 -3.89
O MSE C 214 19.98 50.47 -2.90
CB MSE C 214 18.59 48.19 -4.53
CG MSE C 214 17.41 47.89 -5.40
SE MSE C 214 16.55 46.29 -4.83
CE MSE C 214 15.38 46.06 -6.37
N ARG C 215 21.63 49.39 -4.03
CA ARG C 215 22.66 49.67 -3.02
C ARG C 215 22.98 51.17 -2.94
N ARG C 216 23.35 51.63 -1.72
CA ARG C 216 23.74 53.00 -1.47
C ARG C 216 25.04 53.33 -2.20
N ARG C 217 25.14 54.56 -2.77
CA ARG C 217 26.33 55.01 -3.50
C ARG C 217 27.45 55.37 -2.53
N GLY D 1 -4.18 -34.40 -13.59
CA GLY D 1 -5.16 -33.72 -14.43
C GLY D 1 -5.56 -32.36 -13.91
N MSE D 2 -6.31 -31.60 -14.74
CA MSE D 2 -6.79 -30.25 -14.40
C MSE D 2 -8.22 -30.30 -13.84
O MSE D 2 -8.98 -31.20 -14.22
CB MSE D 2 -6.76 -29.33 -15.66
CG MSE D 2 -5.35 -28.93 -16.08
SE MSE D 2 -4.44 -27.80 -14.76
CE MSE D 2 -5.64 -26.19 -14.82
N PRO D 3 -8.65 -29.31 -13.00
CA PRO D 3 -10.05 -29.31 -12.54
C PRO D 3 -11.02 -29.16 -13.70
N THR D 4 -12.23 -29.74 -13.57
CA THR D 4 -13.23 -29.71 -14.64
C THR D 4 -13.71 -28.29 -14.92
N GLU D 5 -14.29 -28.09 -16.13
CA GLU D 5 -14.85 -26.80 -16.51
C GLU D 5 -16.12 -26.50 -15.69
N THR D 6 -16.75 -27.54 -15.12
CA THR D 6 -17.91 -27.40 -14.24
C THR D 6 -17.51 -26.65 -12.96
N PHE D 7 -16.30 -26.97 -12.43
CA PHE D 7 -15.74 -26.30 -11.25
C PHE D 7 -15.45 -24.83 -11.55
N PHE D 8 -14.83 -24.56 -12.71
CA PHE D 8 -14.48 -23.20 -13.12
C PHE D 8 -15.70 -22.35 -13.50
N ASN D 9 -16.78 -23.00 -13.99
CA ASN D 9 -18.01 -22.31 -14.38
C ASN D 9 -19.00 -22.11 -13.21
N LEU D 10 -18.59 -22.48 -11.97
CA LEU D 10 -19.40 -22.28 -10.77
C LEU D 10 -19.54 -20.79 -10.46
N PRO D 11 -20.67 -20.34 -9.87
CA PRO D 11 -20.76 -18.93 -9.45
C PRO D 11 -19.70 -18.64 -8.39
N GLU D 12 -19.05 -17.45 -8.46
CA GLU D 12 -17.93 -17.07 -7.57
C GLU D 12 -18.17 -17.38 -6.09
N GLU D 13 -19.38 -17.09 -5.58
CA GLU D 13 -19.73 -17.32 -4.16
C GLU D 13 -19.70 -18.81 -3.80
N LYS D 14 -20.21 -19.68 -4.70
CA LYS D 14 -20.22 -21.14 -4.49
C LYS D 14 -18.81 -21.74 -4.59
N ARG D 15 -18.02 -21.31 -5.60
CA ARG D 15 -16.65 -21.81 -5.81
C ARG D 15 -15.74 -21.43 -4.62
N SER D 16 -15.84 -20.16 -4.15
CA SER D 16 -15.04 -19.65 -3.02
C SER D 16 -15.34 -20.43 -1.72
N ARG D 17 -16.62 -20.79 -1.52
CA ARG D 17 -17.06 -21.56 -0.35
C ARG D 17 -16.48 -22.99 -0.40
N LEU D 18 -16.40 -23.60 -1.61
CA LEU D 18 -15.82 -24.93 -1.83
C LEU D 18 -14.30 -24.92 -1.59
N ILE D 19 -13.58 -23.92 -2.16
CA ILE D 19 -12.12 -23.78 -1.98
C ILE D 19 -11.77 -23.65 -0.49
N ASP D 20 -12.56 -22.86 0.27
CA ASP D 20 -12.38 -22.67 1.71
C ASP D 20 -12.49 -24.02 2.46
N VAL D 21 -13.46 -24.88 2.05
CA VAL D 21 -13.66 -26.20 2.65
C VAL D 21 -12.50 -27.14 2.28
N LEU D 22 -12.07 -27.11 0.98
CA LEU D 22 -10.94 -27.92 0.49
C LEU D 22 -9.63 -27.54 1.19
N LEU D 23 -9.41 -26.23 1.44
CA LEU D 23 -8.21 -25.77 2.13
C LEU D 23 -8.17 -26.29 3.57
N ASP D 24 -9.28 -26.15 4.32
CA ASP D 24 -9.40 -26.64 5.69
C ASP D 24 -9.13 -28.15 5.79
N GLU D 25 -9.79 -28.94 4.91
CA GLU D 25 -9.65 -30.40 4.89
C GLU D 25 -8.21 -30.89 4.60
N PHE D 26 -7.56 -30.29 3.59
CA PHE D 26 -6.20 -30.69 3.22
C PHE D 26 -5.11 -30.15 4.18
N ALA D 27 -5.41 -29.07 4.93
CA ALA D 27 -4.45 -28.50 5.90
C ALA D 27 -4.59 -29.13 7.29
N GLN D 28 -5.82 -29.54 7.67
CA GLN D 28 -6.08 -30.14 8.98
C GLN D 28 -5.83 -31.66 9.00
N ASN D 29 -5.75 -32.30 7.81
CA ASN D 29 -5.58 -33.75 7.71
C ASN D 29 -4.47 -34.16 6.73
N ASP D 30 -3.87 -35.35 6.95
CA ASP D 30 -2.86 -35.92 6.05
C ASP D 30 -3.57 -36.40 4.78
N TYR D 31 -2.86 -36.42 3.64
CA TYR D 31 -3.42 -36.82 2.34
C TYR D 31 -4.29 -38.11 2.41
N ASP D 32 -3.78 -39.17 3.08
CA ASP D 32 -4.50 -40.44 3.20
C ASP D 32 -5.71 -40.36 4.14
N SER D 33 -5.71 -39.37 5.07
CA SER D 33 -6.80 -39.17 6.04
C SER D 33 -7.88 -38.17 5.53
N VAL D 34 -7.69 -37.62 4.30
CA VAL D 34 -8.64 -36.67 3.69
C VAL D 34 -9.94 -37.40 3.32
N SER D 35 -11.10 -36.87 3.78
CA SER D 35 -12.41 -37.46 3.54
C SER D 35 -13.22 -36.64 2.52
N ILE D 36 -13.56 -37.27 1.39
CA ILE D 36 -14.37 -36.65 0.31
C ILE D 36 -15.79 -36.36 0.81
N ASN D 37 -16.37 -37.26 1.63
CA ASN D 37 -17.71 -37.09 2.20
C ASN D 37 -17.76 -35.93 3.20
N ARG D 38 -16.66 -35.69 3.95
CA ARG D 38 -16.56 -34.57 4.88
C ARG D 38 -16.53 -33.24 4.11
N ILE D 39 -15.89 -33.25 2.91
CA ILE D 39 -15.84 -32.09 2.02
C ILE D 39 -17.25 -31.72 1.54
N THR D 40 -18.01 -32.70 0.99
CA THR D 40 -19.38 -32.48 0.49
C THR D 40 -20.36 -32.09 1.59
N GLU D 41 -20.15 -32.61 2.81
CA GLU D 41 -21.00 -32.29 3.96
C GLU D 41 -20.78 -30.84 4.42
N ARG D 42 -19.49 -30.43 4.59
CA ARG D 42 -19.13 -29.08 5.03
CA ARG D 42 -19.13 -29.08 5.03
C ARG D 42 -19.39 -28.04 3.94
N ALA D 43 -19.21 -28.41 2.65
CA ALA D 43 -19.45 -27.49 1.52
C ALA D 43 -20.92 -27.29 1.24
N GLY D 44 -21.76 -28.16 1.82
CA GLY D 44 -23.21 -28.11 1.63
C GLY D 44 -23.62 -28.47 0.21
N ILE D 45 -22.98 -29.51 -0.35
CA ILE D 45 -23.27 -30.01 -1.70
C ILE D 45 -23.70 -31.49 -1.67
N ALA D 46 -24.21 -32.01 -2.80
CA ALA D 46 -24.67 -33.40 -2.90
C ALA D 46 -23.55 -34.40 -2.65
N LYS D 47 -23.91 -35.57 -2.09
CA LYS D 47 -22.96 -36.65 -1.85
C LYS D 47 -22.57 -37.27 -3.22
N GLY D 48 -21.26 -37.34 -3.48
CA GLY D 48 -20.73 -37.86 -4.74
C GLY D 48 -20.52 -36.81 -5.81
N SER D 49 -20.86 -35.53 -5.50
CA SER D 49 -20.75 -34.43 -6.46
C SER D 49 -19.32 -33.86 -6.59
N PHE D 50 -18.39 -34.29 -5.70
CA PHE D 50 -16.99 -33.88 -5.72
C PHE D 50 -16.33 -34.22 -7.05
N TYR D 51 -16.68 -35.37 -7.63
CA TYR D 51 -16.10 -35.88 -8.87
C TYR D 51 -16.57 -35.13 -10.12
N GLN D 52 -17.52 -34.18 -9.94
CA GLN D 52 -17.98 -33.31 -11.01
C GLN D 52 -17.11 -32.07 -11.10
N TYR D 53 -16.23 -31.86 -10.09
CA TYR D 53 -15.31 -30.72 -10.03
C TYR D 53 -13.86 -31.16 -10.19
N PHE D 54 -13.51 -32.36 -9.67
CA PHE D 54 -12.16 -32.93 -9.76
C PHE D 54 -12.25 -34.41 -10.09
N ALA D 55 -11.47 -34.88 -11.09
CA ALA D 55 -11.50 -36.30 -11.53
C ALA D 55 -11.22 -37.26 -10.35
N ASP D 56 -10.27 -36.91 -9.47
CA ASP D 56 -9.92 -37.68 -8.29
C ASP D 56 -9.32 -36.78 -7.18
N LYS D 57 -8.95 -37.37 -6.02
CA LYS D 57 -8.36 -36.63 -4.90
C LYS D 57 -7.00 -36.02 -5.30
N LYS D 58 -6.22 -36.76 -6.14
CA LYS D 58 -4.91 -36.35 -6.67
C LYS D 58 -4.98 -35.02 -7.40
N ASP D 59 -5.94 -34.87 -8.35
CA ASP D 59 -6.14 -33.65 -9.12
C ASP D 59 -6.47 -32.46 -8.23
N CYS D 60 -7.29 -32.69 -7.19
CA CYS D 60 -7.67 -31.65 -6.23
C CYS D 60 -6.45 -31.18 -5.43
N TYR D 61 -5.59 -32.14 -4.97
CA TYR D 61 -4.38 -31.83 -4.21
C TYR D 61 -3.38 -31.05 -5.05
N LEU D 62 -3.20 -31.44 -6.33
CA LEU D 62 -2.30 -30.76 -7.27
C LEU D 62 -2.74 -29.32 -7.51
N TYR D 63 -4.08 -29.10 -7.58
CA TYR D 63 -4.66 -27.76 -7.77
C TYR D 63 -4.35 -26.85 -6.57
N LEU D 64 -4.43 -27.39 -5.35
CA LEU D 64 -4.14 -26.63 -4.13
C LEU D 64 -2.64 -26.34 -3.98
N ILE D 65 -1.78 -27.31 -4.39
CA ILE D 65 -0.32 -27.13 -4.36
C ILE D 65 0.11 -26.05 -5.36
N GLN D 66 -0.46 -26.07 -6.59
CA GLN D 66 -0.18 -25.08 -7.63
C GLN D 66 -0.69 -23.69 -7.21
N LEU D 67 -1.81 -23.66 -6.48
CA LEU D 67 -2.41 -22.42 -5.98
C LEU D 67 -1.48 -21.76 -4.94
N GLY D 68 -0.86 -22.57 -4.09
CA GLY D 68 0.09 -22.11 -3.09
C GLY D 68 1.39 -21.61 -3.69
N ILE D 69 1.91 -22.34 -4.71
CA ILE D 69 3.15 -21.99 -5.44
C ILE D 69 2.98 -20.65 -6.18
N GLU D 70 1.85 -20.47 -6.89
CA GLU D 70 1.56 -19.25 -7.64
C GLU D 70 1.32 -18.06 -6.71
N GLN D 71 0.62 -18.27 -5.58
CA GLN D 71 0.34 -17.18 -4.65
C GLN D 71 1.58 -16.71 -3.89
N LYS D 72 2.53 -17.65 -3.56
CA LYS D 72 3.77 -17.30 -2.89
C LYS D 72 4.68 -16.46 -3.80
N THR D 73 4.78 -16.84 -5.10
CA THR D 73 5.60 -16.11 -6.06
C THR D 73 5.00 -14.74 -6.36
N ALA D 74 3.65 -14.64 -6.43
CA ALA D 74 2.94 -13.38 -6.63
C ALA D 74 3.08 -12.46 -5.41
N PHE D 75 3.14 -13.05 -4.20
CA PHE D 75 3.31 -12.30 -2.96
C PHE D 75 4.74 -11.76 -2.88
N LEU D 76 5.72 -12.57 -3.31
CA LEU D 76 7.14 -12.26 -3.32
C LEU D 76 7.45 -11.10 -4.29
N ARG D 77 6.74 -11.04 -5.43
CA ARG D 77 6.93 -9.99 -6.45
C ARG D 77 6.17 -8.69 -6.09
N GLN D 78 5.06 -8.78 -5.31
CA GLN D 78 4.27 -7.61 -4.92
C GLN D 78 4.86 -6.90 -3.69
N THR D 79 5.75 -7.59 -2.94
CA THR D 79 6.39 -7.03 -1.76
C THR D 79 7.51 -6.05 -2.17
N PRO D 80 7.59 -4.84 -1.54
CA PRO D 80 8.70 -3.92 -1.87
C PRO D 80 10.06 -4.59 -1.61
N PRO D 81 10.98 -4.58 -2.60
CA PRO D 81 12.27 -5.28 -2.44
C PRO D 81 13.20 -4.64 -1.41
N ALA D 82 14.22 -5.40 -0.97
CA ALA D 82 15.19 -4.90 -0.01
C ALA D 82 16.19 -3.98 -0.69
N SER D 83 16.43 -2.78 -0.12
CA SER D 83 17.41 -1.85 -0.63
C SER D 83 18.72 -2.05 0.13
N THR D 84 19.40 -3.19 -0.13
CA THR D 84 20.64 -3.57 0.56
C THR D 84 21.56 -4.43 -0.33
N THR D 85 22.85 -4.51 0.04
CA THR D 85 23.83 -5.35 -0.67
C THR D 85 24.36 -6.42 0.30
N ASP D 86 23.92 -6.36 1.57
CA ASP D 86 24.32 -7.30 2.61
C ASP D 86 23.47 -8.57 2.56
N MSE D 87 24.11 -9.76 2.62
CA MSE D 87 23.43 -11.05 2.58
C MSE D 87 22.49 -11.25 3.77
O MSE D 87 21.39 -11.74 3.59
CB MSE D 87 24.44 -12.20 2.52
CG MSE D 87 23.83 -13.53 2.08
SE MSE D 87 25.04 -15.00 2.35
CE MSE D 87 24.73 -15.33 4.19
N PHE D 88 22.94 -10.86 4.98
CA PHE D 88 22.13 -11.01 6.19
C PHE D 88 20.96 -10.03 6.26
N ALA D 89 21.14 -8.83 5.70
CA ALA D 89 20.06 -7.85 5.62
C ALA D 89 19.00 -8.34 4.62
N TYR D 90 19.45 -9.03 3.54
CA TYR D 90 18.58 -9.64 2.55
C TYR D 90 17.84 -10.85 3.14
N LEU D 91 18.57 -11.74 3.84
CA LEU D 91 17.98 -12.91 4.49
C LEU D 91 16.91 -12.52 5.50
N ARG D 92 17.07 -11.34 6.17
CA ARG D 92 16.06 -10.80 7.09
C ARG D 92 14.77 -10.44 6.31
N TRP D 93 14.94 -9.75 5.17
CA TRP D 93 13.83 -9.38 4.28
C TRP D 93 13.11 -10.66 3.79
N LEU D 94 13.89 -11.68 3.35
CA LEU D 94 13.36 -12.94 2.82
C LEU D 94 12.64 -13.75 3.91
N LEU D 95 13.16 -13.70 5.15
CA LEU D 95 12.54 -14.38 6.30
C LEU D 95 11.18 -13.73 6.63
N ASP D 96 11.10 -12.40 6.55
CA ASP D 96 9.87 -11.67 6.81
C ASP D 96 8.81 -11.91 5.73
N VAL D 97 9.22 -11.95 4.45
CA VAL D 97 8.30 -12.24 3.32
C VAL D 97 7.67 -13.65 3.48
N GLY D 98 8.50 -14.64 3.81
CA GLY D 98 8.06 -16.01 4.03
C GLY D 98 7.07 -16.14 5.17
N ILE D 99 7.33 -15.42 6.28
CA ILE D 99 6.47 -15.40 7.46
C ILE D 99 5.15 -14.65 7.17
N GLN D 100 5.21 -13.53 6.41
CA GLN D 100 4.01 -12.77 6.04
C GLN D 100 3.10 -13.56 5.11
N PHE D 101 3.68 -14.36 4.18
CA PHE D 101 2.90 -15.21 3.27
C PHE D 101 2.15 -16.31 4.06
N GLN D 102 2.81 -16.88 5.07
CA GLN D 102 2.20 -17.92 5.91
C GLN D 102 1.03 -17.33 6.73
N PHE D 103 1.19 -16.12 7.30
CA PHE D 103 0.16 -15.47 8.10
C PHE D 103 -1.08 -15.05 7.27
N HIS D 104 -0.87 -14.69 5.98
CA HIS D 104 -1.96 -14.26 5.11
C HIS D 104 -2.60 -15.43 4.35
N ASN D 105 -1.86 -16.55 4.22
CA ASN D 105 -2.37 -17.77 3.56
C ASN D 105 -2.02 -19.00 4.44
N PRO D 106 -2.58 -19.10 5.67
CA PRO D 106 -2.16 -20.17 6.59
C PRO D 106 -2.46 -21.59 6.13
N ARG D 107 -3.60 -21.80 5.46
CA ARG D 107 -3.99 -23.12 4.99
C ARG D 107 -3.18 -23.57 3.79
N LEU D 108 -2.91 -22.65 2.82
CA LEU D 108 -2.07 -22.96 1.67
C LEU D 108 -0.65 -23.29 2.14
N ALA D 109 -0.13 -22.51 3.12
CA ALA D 109 1.19 -22.70 3.70
C ALA D 109 1.30 -24.04 4.43
N GLN D 110 0.23 -24.43 5.17
CA GLN D 110 0.17 -25.70 5.91
C GLN D 110 0.15 -26.90 4.96
N ILE D 111 -0.56 -26.78 3.81
CA ILE D 111 -0.61 -27.83 2.79
C ILE D 111 0.79 -28.02 2.15
N ALA D 112 1.48 -26.91 1.85
CA ALA D 112 2.83 -26.93 1.29
C ALA D 112 3.84 -27.44 2.32
N TYR D 113 3.62 -27.15 3.62
CA TYR D 113 4.48 -27.59 4.72
C TYR D 113 4.38 -29.11 4.92
N LYS D 114 3.13 -29.65 4.84
CA LYS D 114 2.88 -31.09 4.97
C LYS D 114 3.55 -31.89 3.84
N ALA D 115 3.64 -31.30 2.63
CA ALA D 115 4.22 -31.94 1.46
C ALA D 115 5.72 -32.27 1.66
N LEU D 116 6.37 -31.60 2.63
CA LEU D 116 7.78 -31.85 2.98
C LEU D 116 7.98 -33.21 3.68
N TYR D 117 6.95 -33.70 4.41
CA TYR D 117 7.08 -34.94 5.18
CA TYR D 117 7.07 -34.95 5.17
C TYR D 117 6.11 -36.05 4.74
N ASP D 118 4.85 -35.68 4.43
CA ASP D 118 3.79 -36.63 4.06
C ASP D 118 3.99 -37.28 2.69
N ASP D 119 3.54 -38.56 2.56
CA ASP D 119 3.59 -39.34 1.32
C ASP D 119 2.50 -38.82 0.36
N VAL D 120 2.85 -37.82 -0.46
CA VAL D 120 1.88 -37.16 -1.35
C VAL D 120 2.12 -37.48 -2.84
N PRO D 121 1.06 -37.46 -3.70
CA PRO D 121 1.27 -37.83 -5.11
C PRO D 121 1.76 -36.66 -5.97
N LEU D 122 2.80 -35.97 -5.52
CA LEU D 122 3.38 -34.86 -6.29
C LEU D 122 4.27 -35.37 -7.42
N PRO D 123 4.16 -34.77 -8.64
CA PRO D 123 5.09 -35.17 -9.73
C PRO D 123 6.55 -34.89 -9.36
N ALA D 124 7.50 -35.61 -10.00
CA ALA D 124 8.94 -35.48 -9.73
C ALA D 124 9.44 -34.02 -9.74
N GLU D 125 9.03 -33.22 -10.77
CA GLU D 125 9.44 -31.82 -10.92
C GLU D 125 8.88 -30.95 -9.78
N THR D 126 7.62 -31.19 -9.37
CA THR D 126 6.98 -30.44 -8.28
C THR D 126 7.59 -30.85 -6.93
N MSE D 127 7.91 -32.16 -6.75
CA MSE D 127 8.50 -32.71 -5.52
C MSE D 127 9.88 -32.10 -5.24
O MSE D 127 10.20 -31.80 -4.08
CB MSE D 127 8.59 -34.25 -5.61
CG MSE D 127 8.96 -34.91 -4.28
SE MSE D 127 7.52 -34.81 -2.97
CE MSE D 127 6.78 -36.63 -3.21
N GLN D 128 10.70 -31.94 -6.29
CA GLN D 128 12.05 -31.39 -6.18
C GLN D 128 12.01 -29.92 -5.73
N VAL D 129 11.09 -29.12 -6.31
CA VAL D 129 10.95 -27.70 -5.97
C VAL D 129 10.47 -27.51 -4.52
N ILE D 130 9.47 -28.30 -4.09
CA ILE D 130 8.90 -28.24 -2.73
C ILE D 130 9.93 -28.64 -1.67
N ARG D 131 10.62 -29.79 -1.86
CA ARG D 131 11.52 -30.35 -0.86
C ARG D 131 13.01 -29.92 -0.93
N HIS D 132 13.47 -29.41 -2.10
CA HIS D 132 14.89 -29.05 -2.25
C HIS D 132 15.15 -27.66 -2.85
N GLY D 133 14.08 -26.99 -3.29
CA GLY D 133 14.15 -25.67 -3.93
C GLY D 133 14.82 -24.60 -3.08
N SER D 134 14.29 -24.37 -1.86
CA SER D 134 14.81 -23.35 -0.94
C SER D 134 16.25 -23.65 -0.47
N PHE D 135 16.55 -24.94 -0.15
CA PHE D 135 17.90 -25.37 0.26
C PHE D 135 18.93 -25.02 -0.82
N ALA D 136 18.61 -25.31 -2.10
CA ALA D 136 19.49 -25.05 -3.23
C ALA D 136 19.78 -23.54 -3.38
N TYR D 137 18.77 -22.68 -3.10
CA TYR D 137 18.93 -21.22 -3.17
C TYR D 137 19.86 -20.71 -2.06
N PHE D 138 19.67 -21.20 -0.81
CA PHE D 138 20.54 -20.83 0.32
C PHE D 138 21.99 -21.25 0.08
N LYS D 139 22.21 -22.46 -0.50
CA LYS D 139 23.55 -22.97 -0.81
C LYS D 139 24.25 -22.04 -1.80
N GLN D 140 23.50 -21.54 -2.80
CA GLN D 140 24.01 -20.60 -3.81
C GLN D 140 24.43 -19.28 -3.14
N LEU D 141 23.60 -18.77 -2.20
CA LEU D 141 23.89 -17.52 -1.46
C LEU D 141 25.13 -17.67 -0.58
N VAL D 142 25.26 -18.82 0.12
CA VAL D 142 26.42 -19.08 1.00
C VAL D 142 27.70 -19.21 0.18
N GLU D 143 27.63 -19.91 -0.98
CA GLU D 143 28.79 -20.07 -1.89
C GLU D 143 29.26 -18.70 -2.42
N GLN D 144 28.31 -17.78 -2.68
CA GLN D 144 28.59 -16.42 -3.12
C GLN D 144 29.30 -15.62 -2.00
N GLY D 145 28.80 -15.75 -0.76
CA GLY D 145 29.34 -15.08 0.42
C GLY D 145 30.75 -15.53 0.79
N ILE D 146 31.06 -16.83 0.58
CA ILE D 146 32.40 -17.37 0.83
C ILE D 146 33.36 -16.82 -0.24
N ALA D 147 32.90 -16.78 -1.51
CA ALA D 147 33.68 -16.29 -2.65
C ALA D 147 34.09 -14.81 -2.50
N ASP D 148 33.18 -13.95 -2.01
CA ASP D 148 33.47 -12.52 -1.84
C ASP D 148 34.14 -12.16 -0.49
N GLY D 149 34.51 -13.20 0.28
CA GLY D 149 35.24 -13.03 1.52
C GLY D 149 34.45 -12.51 2.71
N SER D 150 33.11 -12.42 2.58
CA SER D 150 32.27 -11.94 3.67
C SER D 150 32.02 -13.03 4.74
N LEU D 151 31.92 -14.30 4.30
CA LEU D 151 31.67 -15.42 5.22
C LEU D 151 32.96 -16.15 5.60
N VAL D 152 32.92 -16.97 6.68
CA VAL D 152 34.07 -17.76 7.17
C VAL D 152 34.64 -18.64 6.02
N PRO D 153 35.96 -18.57 5.75
CA PRO D 153 36.51 -19.29 4.58
C PRO D 153 36.33 -20.82 4.61
N ASP D 154 36.42 -21.44 5.80
CA ASP D 154 36.31 -22.90 5.96
C ASP D 154 34.85 -23.40 6.06
N LEU D 155 33.86 -22.49 5.94
CA LEU D 155 32.45 -22.81 6.06
C LEU D 155 31.98 -23.78 4.96
N ASP D 156 31.25 -24.84 5.37
CA ASP D 156 30.68 -25.80 4.44
C ASP D 156 29.33 -25.25 3.98
N ALA D 157 29.21 -24.93 2.67
CA ALA D 157 28.00 -24.34 2.09
C ALA D 157 26.76 -25.18 2.30
N ASP D 158 26.88 -26.51 2.14
CA ASP D 158 25.77 -27.45 2.32
C ASP D 158 25.24 -27.41 3.77
N THR D 159 26.17 -27.41 4.75
CA THR D 159 25.84 -27.36 6.18
C THR D 159 25.15 -26.03 6.54
N ALA D 160 25.69 -24.89 6.05
CA ALA D 160 25.12 -23.57 6.30
C ALA D 160 23.73 -23.45 5.66
N ALA D 161 23.54 -24.05 4.46
CA ALA D 161 22.24 -24.05 3.77
C ALA D 161 21.23 -24.86 4.54
N PHE D 162 21.67 -25.99 5.16
CA PHE D 162 20.81 -26.83 5.99
C PHE D 162 20.27 -26.03 7.18
N VAL D 163 21.17 -25.30 7.89
CA VAL D 163 20.81 -24.47 9.06
C VAL D 163 19.83 -23.35 8.66
N LEU D 164 20.09 -22.66 7.53
CA LEU D 164 19.20 -21.59 7.05
C LEU D 164 17.83 -22.17 6.66
N ASN D 165 17.82 -23.29 5.92
CA ASN D 165 16.59 -23.93 5.45
C ASN D 165 15.67 -24.38 6.59
N VAL D 166 16.22 -25.05 7.64
CA VAL D 166 15.40 -25.51 8.78
C VAL D 166 14.85 -24.35 9.59
N VAL D 167 15.61 -23.26 9.71
CA VAL D 167 15.21 -22.06 10.44
C VAL D 167 14.05 -21.35 9.70
N PHE D 168 14.22 -21.14 8.38
CA PHE D 168 13.22 -20.48 7.53
C PHE D 168 11.91 -21.28 7.42
N THR D 169 12.02 -22.62 7.41
CA THR D 169 10.87 -23.53 7.31
C THR D 169 10.03 -23.55 8.59
N GLU D 170 10.68 -23.45 9.77
CA GLU D 170 10.01 -23.63 11.05
C GLU D 170 9.72 -22.35 11.86
N LEU D 171 10.34 -21.20 11.52
CA LEU D 171 10.15 -20.00 12.34
C LEU D 171 8.70 -19.52 12.48
N GLY D 172 7.98 -19.46 11.37
CA GLY D 172 6.57 -19.05 11.34
C GLY D 172 5.71 -19.83 12.31
N ASN D 173 5.82 -21.17 12.28
CA ASN D 173 5.07 -22.05 13.18
C ASN D 173 5.42 -21.78 14.63
N HIS D 174 6.71 -21.50 14.91
CA HIS D 174 7.18 -21.23 16.27
C HIS D 174 6.65 -19.90 16.80
N LEU D 175 6.62 -18.86 15.93
CA LEU D 175 6.09 -17.53 16.28
C LEU D 175 4.63 -17.61 16.70
N ILE D 176 3.83 -18.38 15.95
CA ILE D 176 2.41 -18.60 16.25
C ILE D 176 2.28 -19.33 17.59
N GLU D 177 3.04 -20.44 17.76
CA GLU D 177 3.04 -21.26 18.97
C GLU D 177 3.38 -20.42 20.21
N ARG D 178 4.34 -19.49 20.07
CA ARG D 178 4.82 -18.67 21.17
C ARG D 178 3.89 -17.47 21.47
N PHE D 179 3.44 -16.74 20.43
CA PHE D 179 2.70 -15.49 20.63
C PHE D 179 1.18 -15.55 20.44
N ALA D 180 0.68 -16.43 19.56
CA ALA D 180 -0.76 -16.51 19.30
C ALA D 180 -1.49 -17.37 20.34
N VAL D 181 -2.46 -16.76 21.08
CA VAL D 181 -3.25 -17.47 22.10
C VAL D 181 -4.24 -18.47 21.46
N ASN D 182 -5.19 -17.96 20.67
CA ASN D 182 -6.14 -18.79 19.91
C ASN D 182 -5.86 -18.53 18.43
N PRO D 183 -4.88 -19.23 17.83
CA PRO D 183 -4.45 -18.89 16.46
C PRO D 183 -5.53 -18.99 15.40
N ALA D 184 -6.47 -19.97 15.54
CA ALA D 184 -7.54 -20.20 14.58
C ALA D 184 -8.31 -18.92 14.25
N GLU D 185 -8.87 -18.25 15.29
CA GLU D 185 -9.65 -17.02 15.14
CA GLU D 185 -9.65 -17.02 15.13
C GLU D 185 -8.75 -15.84 14.77
N LEU D 186 -7.55 -15.76 15.37
CA LEU D 186 -6.58 -14.69 15.13
C LEU D 186 -6.13 -14.62 13.66
N LEU D 187 -5.91 -15.79 13.03
CA LEU D 187 -5.50 -15.87 11.61
C LEU D 187 -6.68 -15.61 10.67
N ARG D 188 -7.88 -16.12 11.04
CA ARG D 188 -9.10 -15.95 10.27
C ARG D 188 -9.53 -14.46 10.22
N GLU D 189 -9.55 -13.78 11.40
CA GLU D 189 -9.94 -12.36 11.52
C GLU D 189 -8.84 -11.39 11.05
N GLY D 190 -7.59 -11.87 10.97
CA GLY D 190 -6.46 -11.07 10.52
C GLY D 190 -5.78 -10.25 11.60
N GLY D 191 -5.98 -10.64 12.86
CA GLY D 191 -5.42 -9.94 14.02
C GLY D 191 -3.98 -10.28 14.33
N ILE D 192 -3.39 -11.26 13.58
CA ILE D 192 -2.00 -11.71 13.77
C ILE D 192 -0.98 -10.55 13.60
N VAL D 193 -1.35 -9.53 12.79
CA VAL D 193 -0.53 -8.35 12.51
C VAL D 193 -0.22 -7.52 13.76
N LEU D 194 -1.05 -7.65 14.82
CA LEU D 194 -0.87 -6.90 16.07
C LEU D 194 0.24 -7.48 16.93
N LEU D 195 0.78 -8.66 16.56
CA LEU D 195 1.87 -9.31 17.31
C LEU D 195 3.24 -9.07 16.66
N GLN D 196 3.28 -8.29 15.55
CA GLN D 196 4.51 -7.95 14.80
C GLN D 196 5.64 -7.34 15.68
N PRO D 197 5.37 -6.41 16.64
CA PRO D 197 6.48 -5.85 17.45
C PRO D 197 7.27 -6.93 18.20
N ALA D 198 6.58 -7.89 18.81
CA ALA D 198 7.23 -8.99 19.55
C ALA D 198 7.89 -10.00 18.59
N MSE D 199 7.26 -10.21 17.41
CA MSE D 199 7.75 -11.16 16.40
C MSE D 199 9.00 -10.69 15.68
O MSE D 199 9.85 -11.52 15.36
CB MSE D 199 6.64 -11.50 15.40
CG MSE D 199 5.54 -12.37 15.99
SE MSE D 199 4.18 -12.81 14.69
CE MSE D 199 3.06 -13.98 15.77
N ARG D 200 9.11 -9.36 15.38
CA ARG D 200 10.29 -8.80 14.69
C ARG D 200 11.56 -8.91 15.56
N ARG D 201 11.37 -8.83 16.91
CA ARG D 201 12.43 -8.96 17.89
C ARG D 201 13.03 -10.37 17.81
N VAL D 202 12.19 -11.38 17.51
CA VAL D 202 12.63 -12.77 17.36
C VAL D 202 13.32 -12.98 16.00
N ILE D 203 12.74 -12.41 14.93
CA ILE D 203 13.29 -12.48 13.56
C ILE D 203 14.70 -11.87 13.53
N GLU D 204 14.89 -10.70 14.18
CA GLU D 204 16.19 -10.04 14.26
C GLU D 204 17.18 -10.87 15.08
N GLN D 205 16.73 -11.45 16.23
CA GLN D 205 17.55 -12.33 17.07
C GLN D 205 18.05 -13.54 16.27
N VAL D 206 17.16 -14.16 15.46
CA VAL D 206 17.48 -15.32 14.62
C VAL D 206 18.59 -14.96 13.61
N ILE D 207 18.44 -13.82 12.90
CA ILE D 207 19.43 -13.35 11.94
C ILE D 207 20.78 -13.03 12.62
N ASP D 208 20.74 -12.40 13.82
CA ASP D 208 21.96 -12.08 14.60
C ASP D 208 22.76 -13.34 14.93
N ILE D 209 22.07 -14.44 15.32
CA ILE D 209 22.72 -15.71 15.62
C ILE D 209 23.39 -16.28 14.36
N LEU D 210 22.67 -16.29 13.22
CA LEU D 210 23.19 -16.80 11.95
C LEU D 210 24.34 -15.92 11.42
N GLU D 211 24.24 -14.59 11.62
CA GLU D 211 25.26 -13.64 11.20
C GLU D 211 26.58 -13.85 11.96
N ARG D 212 26.52 -13.91 13.32
CA ARG D 212 27.71 -14.14 14.14
C ARG D 212 28.34 -15.51 13.85
N GLY D 213 27.49 -16.50 13.59
CA GLY D 213 27.94 -17.86 13.32
C GLY D 213 28.56 -18.07 11.96
N MSE D 214 28.18 -17.25 10.94
CA MSE D 214 28.66 -17.45 9.56
C MSE D 214 29.58 -16.36 9.04
O MSE D 214 30.44 -16.65 8.19
CB MSE D 214 27.49 -17.65 8.60
CG MSE D 214 26.66 -18.87 8.92
SE MSE D 214 25.16 -19.03 7.76
CE MSE D 214 24.28 -20.43 8.70
N ARG D 215 29.35 -15.09 9.42
CA ARG D 215 30.15 -13.97 8.91
C ARG D 215 31.61 -14.04 9.41
N ARG D 216 32.56 -13.62 8.54
CA ARG D 216 34.00 -13.59 8.81
C ARG D 216 34.32 -12.65 9.98
N ARG D 217 35.29 -13.03 10.84
CA ARG D 217 35.71 -12.22 11.99
C ARG D 217 36.55 -11.02 11.54
N GLY E 1 -3.99 -47.92 27.28
CA GLY E 1 -3.79 -49.24 27.88
C GLY E 1 -2.44 -49.86 27.56
N MSE E 2 -2.06 -50.88 28.35
CA MSE E 2 -0.79 -51.60 28.20
C MSE E 2 -0.96 -52.87 27.34
O MSE E 2 -2.07 -53.44 27.34
CB MSE E 2 -0.25 -52.00 29.59
CG MSE E 2 0.30 -50.83 30.40
SE MSE E 2 1.91 -50.04 29.63
CE MSE E 2 3.15 -51.64 29.74
N PRO E 3 0.12 -53.37 26.63
CA PRO E 3 -0.03 -54.62 25.86
C PRO E 3 -0.41 -55.79 26.77
N THR E 4 -1.16 -56.76 26.25
CA THR E 4 -1.62 -57.91 27.03
C THR E 4 -0.47 -58.76 27.53
N GLU E 5 -0.73 -59.55 28.60
CA GLU E 5 0.26 -60.47 29.16
C GLU E 5 0.50 -61.64 28.19
N THR E 6 -0.45 -61.88 27.27
CA THR E 6 -0.35 -62.90 26.21
C THR E 6 0.75 -62.52 25.21
N PHE E 7 0.93 -61.19 24.99
CA PHE E 7 1.97 -60.64 24.11
C PHE E 7 3.34 -60.77 24.78
N PHE E 8 3.42 -60.43 26.08
CA PHE E 8 4.65 -60.52 26.85
C PHE E 8 5.08 -61.96 27.12
N ASN E 9 4.12 -62.90 27.19
CA ASN E 9 4.40 -64.32 27.43
C ASN E 9 4.67 -65.11 26.13
N LEU E 10 4.77 -64.40 24.99
CA LEU E 10 5.10 -65.02 23.70
C LEU E 10 6.54 -65.51 23.69
N PRO E 11 6.86 -66.62 22.97
CA PRO E 11 8.28 -67.01 22.83
C PRO E 11 9.07 -65.89 22.13
N GLU E 12 10.30 -65.62 22.60
CA GLU E 12 11.15 -64.53 22.09
C GLU E 12 11.21 -64.42 20.56
N GLU E 13 11.35 -65.58 19.85
CA GLU E 13 11.42 -65.62 18.38
C GLU E 13 10.15 -65.09 17.70
N LYS E 14 8.97 -65.48 18.21
CA LYS E 14 7.68 -65.03 17.64
C LYS E 14 7.41 -63.54 17.95
N ARG E 15 7.65 -63.12 19.21
CA ARG E 15 7.43 -61.74 19.64
C ARG E 15 8.33 -60.77 18.86
N SER E 16 9.62 -61.14 18.63
CA SER E 16 10.56 -60.33 17.87
C SER E 16 10.13 -60.20 16.40
N ARG E 17 9.58 -61.28 15.82
CA ARG E 17 9.10 -61.30 14.45
C ARG E 17 7.88 -60.38 14.29
N LEU E 18 7.00 -60.34 15.32
CA LEU E 18 5.81 -59.48 15.33
C LEU E 18 6.19 -58.00 15.48
N ILE E 19 7.13 -57.68 16.41
CA ILE E 19 7.60 -56.31 16.62
C ILE E 19 8.22 -55.74 15.33
N ASP E 20 9.01 -56.57 14.60
CA ASP E 20 9.64 -56.21 13.32
CA ASP E 20 9.62 -56.14 13.34
C ASP E 20 8.57 -55.81 12.28
N VAL E 21 7.46 -56.58 12.24
CA VAL E 21 6.35 -56.32 11.31
C VAL E 21 5.60 -55.03 11.74
N LEU E 22 5.36 -54.86 13.06
CA LEU E 22 4.70 -53.67 13.61
C LEU E 22 5.52 -52.40 13.35
N LEU E 23 6.87 -52.48 13.48
CA LEU E 23 7.76 -51.35 13.22
C LEU E 23 7.69 -50.91 11.76
N ASP E 24 7.79 -51.87 10.81
CA ASP E 24 7.68 -51.59 9.38
C ASP E 24 6.35 -50.94 9.01
N GLU E 25 5.22 -51.51 9.49
CA GLU E 25 3.86 -51.02 9.22
C GLU E 25 3.63 -49.58 9.72
N PHE E 26 4.04 -49.28 10.97
CA PHE E 26 3.84 -47.97 11.56
C PHE E 26 4.84 -46.89 11.05
N ALA E 27 6.01 -47.32 10.52
CA ALA E 27 7.00 -46.38 9.97
C ALA E 27 6.73 -46.07 8.49
N GLN E 28 6.24 -47.07 7.72
CA GLN E 28 5.96 -46.93 6.29
C GLN E 28 4.59 -46.32 6.00
N ASN E 29 3.69 -46.29 6.99
CA ASN E 29 2.32 -45.79 6.79
C ASN E 29 1.89 -44.82 7.89
N ASP E 30 0.97 -43.91 7.55
CA ASP E 30 0.39 -42.97 8.51
C ASP E 30 -0.56 -43.73 9.44
N TYR E 31 -0.76 -43.24 10.67
CA TYR E 31 -1.61 -43.91 11.67
C TYR E 31 -2.98 -44.39 11.11
N ASP E 32 -3.68 -43.52 10.37
CA ASP E 32 -4.99 -43.85 9.79
C ASP E 32 -4.89 -44.86 8.63
N SER E 33 -3.71 -44.95 7.98
CA SER E 33 -3.48 -45.86 6.85
C SER E 33 -2.90 -47.23 7.30
N VAL E 34 -2.68 -47.42 8.63
CA VAL E 34 -2.16 -48.67 9.18
C VAL E 34 -3.22 -49.79 9.07
N SER E 35 -2.83 -50.94 8.48
CA SER E 35 -3.73 -52.08 8.26
C SER E 35 -3.41 -53.23 9.22
N ILE E 36 -4.39 -53.61 10.07
CA ILE E 36 -4.27 -54.72 11.02
C ILE E 36 -4.15 -56.06 10.29
N ASN E 37 -4.89 -56.22 9.16
CA ASN E 37 -4.85 -57.43 8.34
C ASN E 37 -3.46 -57.60 7.72
N ARG E 38 -2.84 -56.49 7.25
CA ARG E 38 -1.50 -56.51 6.65
C ARG E 38 -0.46 -56.96 7.69
N ILE E 39 -0.68 -56.57 8.97
CA ILE E 39 0.18 -56.99 10.09
C ILE E 39 0.11 -58.50 10.28
N THR E 40 -1.12 -59.05 10.42
CA THR E 40 -1.35 -60.49 10.61
C THR E 40 -0.83 -61.33 9.43
N GLU E 41 -0.99 -60.81 8.19
CA GLU E 41 -0.53 -61.47 6.96
C GLU E 41 1.01 -61.54 6.90
N ARG E 42 1.69 -60.40 7.16
CA ARG E 42 3.16 -60.33 7.14
C ARG E 42 3.78 -61.05 8.35
N ALA E 43 3.11 -61.03 9.51
CA ALA E 43 3.60 -61.70 10.72
C ALA E 43 3.39 -63.21 10.66
N GLY E 44 2.57 -63.66 9.72
CA GLY E 44 2.25 -65.07 9.54
C GLY E 44 1.43 -65.64 10.68
N ILE E 45 0.44 -64.85 11.14
CA ILE E 45 -0.45 -65.25 12.24
C ILE E 45 -1.91 -65.31 11.80
N ALA E 46 -2.77 -65.96 12.59
CA ALA E 46 -4.19 -66.13 12.27
C ALA E 46 -4.93 -64.82 12.22
N LYS E 47 -5.97 -64.74 11.35
CA LYS E 47 -6.77 -63.54 11.15
C LYS E 47 -7.64 -63.24 12.39
N GLY E 48 -7.54 -62.01 12.89
CA GLY E 48 -8.25 -61.57 14.08
C GLY E 48 -7.50 -61.83 15.37
N SER E 49 -6.24 -62.31 15.27
CA SER E 49 -5.41 -62.63 16.43
C SER E 49 -4.64 -61.42 17.01
N PHE E 50 -4.62 -60.29 16.28
CA PHE E 50 -3.94 -59.05 16.72
C PHE E 50 -4.48 -58.56 18.07
N TYR E 51 -5.80 -58.68 18.27
CA TYR E 51 -6.49 -58.19 19.46
C TYR E 51 -6.24 -59.07 20.70
N GLN E 52 -5.59 -60.22 20.51
CA GLN E 52 -5.17 -61.11 21.58
C GLN E 52 -3.90 -60.55 22.25
N TYR E 53 -3.14 -59.69 21.50
CA TYR E 53 -1.87 -59.10 21.96
C TYR E 53 -2.00 -57.60 22.33
N PHE E 54 -2.84 -56.85 21.60
CA PHE E 54 -3.09 -55.43 21.87
C PHE E 54 -4.60 -55.16 21.83
N ALA E 55 -5.13 -54.42 22.82
CA ALA E 55 -6.56 -54.07 22.91
C ALA E 55 -7.09 -53.41 21.63
N ASP E 56 -6.33 -52.45 21.07
CA ASP E 56 -6.69 -51.73 19.83
C ASP E 56 -5.44 -51.24 19.06
N LYS E 57 -5.64 -50.38 18.03
CA LYS E 57 -4.53 -49.79 17.25
C LYS E 57 -3.79 -48.74 18.11
N LYS E 58 -4.53 -48.07 19.03
CA LYS E 58 -3.98 -47.05 19.92
C LYS E 58 -2.97 -47.64 20.91
N ASP E 59 -3.34 -48.75 21.59
CA ASP E 59 -2.45 -49.43 22.55
C ASP E 59 -1.14 -49.89 21.92
N CYS E 60 -1.21 -50.41 20.67
CA CYS E 60 -0.04 -50.87 19.93
C CYS E 60 0.87 -49.69 19.56
N TYR E 61 0.28 -48.56 19.12
CA TYR E 61 1.02 -47.34 18.76
C TYR E 61 1.74 -46.76 19.98
N LEU E 62 1.05 -46.73 21.14
CA LEU E 62 1.61 -46.24 22.41
C LEU E 62 2.79 -47.07 22.84
N TYR E 63 2.72 -48.42 22.64
CA TYR E 63 3.80 -49.34 22.97
C TYR E 63 5.06 -49.05 22.13
N LEU E 64 4.88 -48.77 20.84
CA LEU E 64 6.00 -48.46 19.95
C LEU E 64 6.60 -47.09 20.24
N ILE E 65 5.75 -46.11 20.63
CA ILE E 65 6.20 -44.77 21.00
C ILE E 65 7.00 -44.80 22.30
N GLN E 66 6.52 -45.56 23.30
CA GLN E 66 7.22 -45.72 24.59
C GLN E 66 8.54 -46.48 24.40
N LEU E 67 8.57 -47.42 23.44
CA LEU E 67 9.76 -48.21 23.12
C LEU E 67 10.85 -47.31 22.53
N GLY E 68 10.45 -46.36 21.69
CA GLY E 68 11.35 -45.39 21.09
C GLY E 68 11.90 -44.41 22.09
N ILE E 69 11.03 -43.90 23.01
CA ILE E 69 11.43 -42.98 24.08
C ILE E 69 12.45 -43.63 25.00
N GLU E 70 12.14 -44.84 25.51
CA GLU E 70 13.01 -45.58 26.42
C GLU E 70 14.35 -45.94 25.76
N GLN E 71 14.33 -46.33 24.47
CA GLN E 71 15.54 -46.69 23.73
C GLN E 71 16.47 -45.47 23.54
N LYS E 72 15.87 -44.29 23.20
CA LYS E 72 16.63 -43.06 22.97
C LYS E 72 17.23 -42.53 24.26
N THR E 73 16.45 -42.59 25.37
CA THR E 73 16.88 -42.15 26.68
C THR E 73 18.05 -43.00 27.16
N ALA E 74 17.94 -44.34 27.02
CA ALA E 74 19.00 -45.30 27.40
C ALA E 74 20.27 -45.07 26.56
N PHE E 75 20.08 -44.64 25.30
CA PHE E 75 21.18 -44.35 24.39
C PHE E 75 21.89 -43.06 24.81
N LEU E 76 21.11 -42.02 25.19
CA LEU E 76 21.66 -40.72 25.61
C LEU E 76 22.18 -40.70 27.07
N ARG E 77 22.02 -41.84 27.82
CA ARG E 77 22.53 -41.95 29.21
C ARG E 77 24.02 -42.26 29.22
N GLN E 78 24.65 -42.35 28.02
CA GLN E 78 26.08 -42.61 27.90
C GLN E 78 26.89 -41.52 28.61
N THR E 79 28.09 -41.86 29.09
CA THR E 79 28.89 -40.91 29.84
C THR E 79 29.84 -40.14 28.91
N PRO E 80 29.66 -38.80 28.77
CA PRO E 80 30.56 -38.03 27.90
C PRO E 80 31.99 -37.96 28.46
N PRO E 81 33.01 -37.65 27.61
CA PRO E 81 34.40 -37.63 28.11
C PRO E 81 34.70 -36.51 29.13
N ALA E 82 35.97 -36.46 29.61
CA ALA E 82 36.43 -35.47 30.59
C ALA E 82 36.36 -34.04 30.06
N SER E 83 36.64 -33.84 28.75
CA SER E 83 36.59 -32.53 28.11
C SER E 83 35.17 -31.94 28.04
N THR E 84 34.17 -32.70 28.55
CA THR E 84 32.79 -32.24 28.54
C THR E 84 32.44 -31.52 29.86
N THR E 85 32.73 -30.23 29.91
CA THR E 85 32.42 -29.34 31.03
C THR E 85 31.88 -28.05 30.43
N ASP E 86 31.80 -28.03 29.08
CA ASP E 86 31.31 -26.91 28.30
C ASP E 86 29.95 -27.28 27.68
N MSE E 87 29.07 -26.27 27.48
CA MSE E 87 27.74 -26.49 26.91
C MSE E 87 27.82 -26.95 25.45
O MSE E 87 27.11 -27.87 25.05
CB MSE E 87 26.88 -25.24 27.01
CG MSE E 87 25.40 -25.51 26.72
SE MSE E 87 24.35 -23.88 26.53
CE MSE E 87 24.77 -23.48 24.76
N PHE E 88 28.69 -26.31 24.65
CA PHE E 88 28.86 -26.65 23.24
C PHE E 88 29.54 -27.99 23.03
N ALA E 89 30.53 -28.34 23.90
CA ALA E 89 31.20 -29.64 23.86
C ALA E 89 30.18 -30.73 24.18
N TYR E 90 29.25 -30.43 25.09
CA TYR E 90 28.17 -31.34 25.47
C TYR E 90 27.13 -31.45 24.36
N LEU E 91 26.79 -30.30 23.71
CA LEU E 91 25.84 -30.27 22.59
C LEU E 91 26.37 -31.07 21.41
N ARG E 92 27.69 -31.03 21.19
CA ARG E 92 28.35 -31.79 20.13
C ARG E 92 28.26 -33.29 20.42
N TRP E 93 28.43 -33.68 21.70
CA TRP E 93 28.33 -35.05 22.13
C TRP E 93 26.87 -35.53 22.04
N LEU E 94 25.93 -34.67 22.48
CA LEU E 94 24.49 -34.94 22.44
C LEU E 94 23.98 -35.12 21.00
N LEU E 95 24.51 -34.32 20.06
CA LEU E 95 24.14 -34.36 18.65
C LEU E 95 24.62 -35.66 17.97
N ASP E 96 25.85 -36.11 18.29
CA ASP E 96 26.41 -37.34 17.72
C ASP E 96 25.70 -38.59 18.26
N VAL E 97 25.42 -38.63 19.58
CA VAL E 97 24.78 -39.76 20.23
C VAL E 97 23.32 -39.95 19.75
N GLY E 98 22.63 -38.83 19.53
CA GLY E 98 21.25 -38.82 19.05
C GLY E 98 21.11 -39.22 17.60
N ILE E 99 22.12 -38.90 16.79
CA ILE E 99 22.14 -39.27 15.38
C ILE E 99 22.44 -40.78 15.25
N GLN E 100 23.35 -41.28 16.12
CA GLN E 100 23.69 -42.70 16.21
C GLN E 100 22.45 -43.54 16.54
N PHE E 101 21.57 -43.04 17.43
CA PHE E 101 20.34 -43.72 17.81
C PHE E 101 19.41 -43.92 16.59
N GLN E 102 19.27 -42.86 15.75
CA GLN E 102 18.42 -42.90 14.55
CA GLN E 102 18.42 -42.90 14.55
C GLN E 102 18.94 -43.94 13.55
N PHE E 103 20.25 -44.02 13.36
CA PHE E 103 20.85 -44.96 12.41
C PHE E 103 20.75 -46.42 12.88
N HIS E 104 20.80 -46.65 14.20
CA HIS E 104 20.69 -48.00 14.76
C HIS E 104 19.23 -48.42 14.95
N ASN E 105 18.30 -47.45 15.04
CA ASN E 105 16.87 -47.73 15.19
C ASN E 105 16.07 -46.86 14.20
N PRO E 106 16.22 -47.08 12.86
CA PRO E 106 15.56 -46.19 11.89
C PRO E 106 14.04 -46.22 11.91
N ARG E 107 13.43 -47.39 12.17
CA ARG E 107 11.97 -47.52 12.19
C ARG E 107 11.36 -46.86 13.44
N LEU E 108 11.97 -47.07 14.63
CA LEU E 108 11.53 -46.40 15.86
C LEU E 108 11.64 -44.90 15.71
N ALA E 109 12.77 -44.42 15.13
CA ALA E 109 13.03 -43.00 14.90
C ALA E 109 12.02 -42.40 13.93
N GLN E 110 11.67 -43.14 12.86
CA GLN E 110 10.69 -42.68 11.85
C GLN E 110 9.28 -42.57 12.45
N ILE E 111 8.89 -43.53 13.33
CA ILE E 111 7.59 -43.50 14.02
C ILE E 111 7.51 -42.27 14.94
N ALA E 112 8.60 -42.01 15.69
CA ALA E 112 8.69 -40.86 16.59
C ALA E 112 8.73 -39.54 15.82
N TYR E 113 9.36 -39.55 14.62
CA TYR E 113 9.49 -38.38 13.77
C TYR E 113 8.14 -37.99 13.16
N LYS E 114 7.36 -39.00 12.71
CA LYS E 114 6.00 -38.79 12.15
C LYS E 114 5.04 -38.21 13.20
N ALA E 115 5.19 -38.60 14.49
CA ALA E 115 4.37 -38.13 15.60
C ALA E 115 4.44 -36.60 15.80
N LEU E 116 5.54 -35.96 15.33
CA LEU E 116 5.73 -34.51 15.42
C LEU E 116 4.79 -33.75 14.49
N TYR E 117 4.38 -34.37 13.37
CA TYR E 117 3.60 -33.71 12.34
C TYR E 117 2.21 -34.35 12.11
N ASP E 118 2.14 -35.71 12.09
CA ASP E 118 0.88 -36.43 11.83
C ASP E 118 -0.09 -36.43 13.05
N ASP E 119 -1.41 -36.60 12.77
CA ASP E 119 -2.45 -36.63 13.81
C ASP E 119 -2.54 -38.03 14.46
N VAL E 120 -1.78 -38.23 15.54
CA VAL E 120 -1.70 -39.51 16.24
C VAL E 120 -2.36 -39.45 17.62
N PRO E 121 -2.97 -40.56 18.12
CA PRO E 121 -3.63 -40.52 19.42
C PRO E 121 -2.68 -40.82 20.59
N LEU E 122 -2.09 -39.77 21.17
CA LEU E 122 -1.20 -39.89 22.32
C LEU E 122 -1.78 -39.14 23.53
N PRO E 123 -1.61 -39.65 24.78
CA PRO E 123 -2.11 -38.92 25.95
C PRO E 123 -1.39 -37.57 26.13
N ALA E 124 -1.99 -36.64 26.91
CA ALA E 124 -1.43 -35.30 27.15
C ALA E 124 0.06 -35.33 27.57
N GLU E 125 0.41 -36.24 28.52
CA GLU E 125 1.80 -36.36 29.00
C GLU E 125 2.78 -36.89 27.93
N THR E 126 2.36 -37.91 27.14
CA THR E 126 3.23 -38.49 26.09
C THR E 126 3.35 -37.55 24.89
N MSE E 127 2.26 -36.80 24.57
CA MSE E 127 2.24 -35.83 23.47
C MSE E 127 3.23 -34.67 23.73
O MSE E 127 4.01 -34.33 22.86
CB MSE E 127 0.82 -35.27 23.28
CG MSE E 127 0.68 -34.34 22.07
SE MSE E 127 0.92 -35.27 20.39
CE MSE E 127 -0.83 -36.14 20.28
N GLN E 128 3.19 -34.10 24.96
CA GLN E 128 4.04 -32.99 25.38
C GLN E 128 5.52 -33.35 25.27
N VAL E 129 5.89 -34.59 25.69
CA VAL E 129 7.28 -35.06 25.64
C VAL E 129 7.77 -35.19 24.18
N ILE E 130 6.94 -35.75 23.29
CA ILE E 130 7.30 -35.94 21.88
C ILE E 130 7.49 -34.61 21.15
N ARG E 131 6.52 -33.68 21.27
CA ARG E 131 6.51 -32.43 20.52
C ARG E 131 7.21 -31.22 21.18
N HIS E 132 7.39 -31.24 22.52
CA HIS E 132 8.00 -30.10 23.21
C HIS E 132 9.11 -30.50 24.19
N GLY E 133 9.37 -31.81 24.29
CA GLY E 133 10.34 -32.38 25.23
C GLY E 133 11.79 -31.95 25.00
N SER E 134 12.27 -32.05 23.73
CA SER E 134 13.64 -31.65 23.38
C SER E 134 13.83 -30.13 23.45
N PHE E 135 12.82 -29.35 22.95
CA PHE E 135 12.85 -27.88 23.00
C PHE E 135 13.01 -27.37 24.45
N ALA E 136 12.22 -27.96 25.38
CA ALA E 136 12.26 -27.61 26.81
C ALA E 136 13.63 -27.88 27.43
N TYR E 137 14.31 -28.97 27.00
CA TYR E 137 15.65 -29.31 27.47
C TYR E 137 16.69 -28.29 27.00
N PHE E 138 16.64 -27.91 25.70
CA PHE E 138 17.56 -26.91 25.13
C PHE E 138 17.38 -25.55 25.78
N LYS E 139 16.11 -25.16 26.07
CA LYS E 139 15.79 -23.88 26.73
C LYS E 139 16.41 -23.86 28.13
N GLN E 140 16.35 -25.01 28.84
CA GLN E 140 16.94 -25.19 30.17
C GLN E 140 18.49 -25.04 30.12
N LEU E 141 19.13 -25.59 29.06
CA LEU E 141 20.59 -25.49 28.87
C LEU E 141 20.99 -24.05 28.56
N VAL E 142 20.23 -23.36 27.68
CA VAL E 142 20.52 -21.97 27.30
C VAL E 142 20.31 -21.04 28.52
N GLU E 143 19.22 -21.27 29.29
CA GLU E 143 18.94 -20.51 30.52
C GLU E 143 20.06 -20.69 31.55
N GLN E 144 20.64 -21.92 31.62
CA GLN E 144 21.79 -22.23 32.49
C GLN E 144 23.07 -21.53 31.97
N GLY E 145 23.26 -21.55 30.64
CA GLY E 145 24.39 -20.89 29.99
C GLY E 145 24.38 -19.39 30.15
N ILE E 146 23.18 -18.80 30.27
CA ILE E 146 22.99 -17.36 30.52
C ILE E 146 23.33 -17.07 32.00
N ALA E 147 22.90 -17.98 32.92
CA ALA E 147 23.16 -17.88 34.36
C ALA E 147 24.65 -18.06 34.65
N ASP E 148 25.31 -18.95 33.88
CA ASP E 148 26.76 -19.20 33.99
C ASP E 148 27.56 -18.06 33.35
N GLY E 149 26.86 -17.21 32.59
CA GLY E 149 27.46 -16.06 31.91
C GLY E 149 28.45 -16.44 30.83
N SER E 150 28.16 -17.51 30.07
CA SER E 150 29.04 -17.98 29.00
C SER E 150 28.51 -17.59 27.61
N LEU E 151 27.22 -17.22 27.52
CA LEU E 151 26.59 -16.86 26.24
C LEU E 151 26.39 -15.34 26.12
N VAL E 152 25.92 -14.88 24.94
CA VAL E 152 25.59 -13.47 24.69
C VAL E 152 24.54 -12.99 25.73
N PRO E 153 24.77 -11.85 26.43
CA PRO E 153 23.84 -11.44 27.49
C PRO E 153 22.40 -11.16 27.05
N ASP E 154 22.23 -10.61 25.83
CA ASP E 154 20.89 -10.26 25.30
C ASP E 154 20.17 -11.44 24.62
N LEU E 155 20.79 -12.64 24.63
CA LEU E 155 20.25 -13.84 23.99
C LEU E 155 18.89 -14.28 24.57
N ASP E 156 17.91 -14.50 23.69
CA ASP E 156 16.60 -15.00 24.07
C ASP E 156 16.66 -16.52 24.11
N ALA E 157 16.45 -17.11 25.31
CA ALA E 157 16.52 -18.56 25.53
C ALA E 157 15.57 -19.35 24.64
N ASP E 158 14.33 -18.86 24.49
CA ASP E 158 13.31 -19.51 23.64
C ASP E 158 13.76 -19.57 22.17
N THR E 159 14.30 -18.45 21.66
CA THR E 159 14.79 -18.34 20.27
C THR E 159 15.99 -19.28 20.03
N ALA E 160 16.95 -19.30 20.97
CA ALA E 160 18.13 -20.17 20.88
C ALA E 160 17.73 -21.64 20.94
N ALA E 161 16.72 -21.98 21.78
CA ALA E 161 16.20 -23.34 21.90
C ALA E 161 15.52 -23.77 20.61
N PHE E 162 14.80 -22.84 19.94
CA PHE E 162 14.15 -23.09 18.66
C PHE E 162 15.20 -23.49 17.60
N VAL E 163 16.29 -22.72 17.50
CA VAL E 163 17.38 -22.98 16.53
C VAL E 163 18.05 -24.34 16.80
N LEU E 164 18.35 -24.64 18.07
CA LEU E 164 18.96 -25.91 18.45
C LEU E 164 18.02 -27.08 18.14
N ASN E 165 16.73 -26.94 18.50
CA ASN E 165 15.73 -27.98 18.30
C ASN E 165 15.51 -28.35 16.82
N VAL E 166 15.40 -27.35 15.92
CA VAL E 166 15.20 -27.63 14.49
C VAL E 166 16.40 -28.30 13.86
N VAL E 167 17.61 -27.90 14.30
CA VAL E 167 18.87 -28.46 13.83
C VAL E 167 19.01 -29.91 14.27
N PHE E 168 18.77 -30.18 15.58
CA PHE E 168 18.86 -31.53 16.16
C PHE E 168 17.82 -32.49 15.58
N THR E 169 16.60 -32.00 15.30
CA THR E 169 15.50 -32.81 14.75
C THR E 169 15.76 -33.25 13.30
N GLU E 170 16.38 -32.36 12.49
CA GLU E 170 16.51 -32.58 11.06
C GLU E 170 17.90 -32.99 10.56
N LEU E 171 18.97 -32.85 11.38
CA LEU E 171 20.33 -33.16 10.91
C LEU E 171 20.52 -34.59 10.40
N GLY E 172 20.05 -35.58 11.17
CA GLY E 172 20.14 -36.99 10.81
C GLY E 172 19.59 -37.30 9.43
N ASN E 173 18.38 -36.80 9.13
CA ASN E 173 17.74 -36.98 7.82
C ASN E 173 18.55 -36.33 6.72
N HIS E 174 19.16 -35.16 7.00
CA HIS E 174 19.99 -34.45 6.02
C HIS E 174 21.29 -35.19 5.73
N LEU E 175 21.93 -35.76 6.78
CA LEU E 175 23.17 -36.52 6.62
C LEU E 175 22.95 -37.73 5.72
N ILE E 176 21.83 -38.46 5.92
CA ILE E 176 21.44 -39.60 5.09
C ILE E 176 21.23 -39.15 3.64
N GLU E 177 20.44 -38.07 3.45
CA GLU E 177 20.15 -37.49 2.14
C GLU E 177 21.43 -37.09 1.39
N ARG E 178 22.41 -36.54 2.13
CA ARG E 178 23.67 -36.08 1.56
C ARG E 178 24.69 -37.21 1.30
N PHE E 179 24.87 -38.13 2.25
CA PHE E 179 25.92 -39.14 2.16
C PHE E 179 25.48 -40.57 1.75
N ALA E 180 24.25 -40.98 2.11
CA ALA E 180 23.77 -42.33 1.81
C ALA E 180 23.22 -42.48 0.40
N VAL E 181 23.88 -43.35 -0.41
CA VAL E 181 23.43 -43.80 -1.73
C VAL E 181 22.70 -45.10 -1.43
N ASN E 182 21.39 -45.13 -1.71
CA ASN E 182 20.50 -46.25 -1.37
C ASN E 182 20.43 -46.48 0.17
N PRO E 183 19.80 -45.53 0.92
CA PRO E 183 19.76 -45.65 2.39
C PRO E 183 19.06 -46.89 2.90
N ALA E 184 18.01 -47.37 2.19
CA ALA E 184 17.23 -48.54 2.60
C ALA E 184 18.12 -49.76 2.91
N GLU E 185 18.97 -50.18 1.95
CA GLU E 185 19.87 -51.32 2.10
C GLU E 185 21.04 -50.98 3.06
N LEU E 186 21.55 -49.74 2.99
CA LEU E 186 22.66 -49.29 3.83
C LEU E 186 22.31 -49.33 5.34
N LEU E 187 21.07 -48.94 5.70
CA LEU E 187 20.60 -48.97 7.09
C LEU E 187 20.28 -50.39 7.55
N ARG E 188 19.70 -51.22 6.64
CA ARG E 188 19.35 -52.61 6.93
CA ARG E 188 19.35 -52.61 6.92
C ARG E 188 20.60 -53.46 7.16
N GLU E 189 21.61 -53.36 6.25
CA GLU E 189 22.86 -54.12 6.33
C GLU E 189 23.84 -53.58 7.41
N GLY E 190 23.61 -52.34 7.85
CA GLY E 190 24.43 -51.71 8.88
C GLY E 190 25.71 -51.06 8.36
N GLY E 191 25.73 -50.72 7.08
CA GLY E 191 26.88 -50.10 6.44
C GLY E 191 26.97 -48.60 6.65
N ILE E 192 25.94 -48.00 7.28
CA ILE E 192 25.88 -46.55 7.54
C ILE E 192 27.08 -46.06 8.38
N VAL E 193 27.66 -46.97 9.21
CA VAL E 193 28.80 -46.70 10.09
C VAL E 193 30.07 -46.29 9.32
N LEU E 194 30.16 -46.66 8.03
CA LEU E 194 31.31 -46.34 7.19
C LEU E 194 31.32 -44.87 6.73
N LEU E 195 30.19 -44.15 6.96
CA LEU E 195 30.06 -42.73 6.56
C LEU E 195 30.27 -41.77 7.74
N GLN E 196 30.54 -42.32 8.96
CA GLN E 196 30.77 -41.55 10.20
C GLN E 196 31.86 -40.46 10.08
N PRO E 197 33.05 -40.72 9.42
CA PRO E 197 34.06 -39.65 9.32
C PRO E 197 33.53 -38.38 8.66
N ALA E 198 32.79 -38.53 7.53
CA ALA E 198 32.23 -37.39 6.80
C ALA E 198 31.07 -36.75 7.57
N MSE E 199 30.29 -37.57 8.30
CA MSE E 199 29.14 -37.10 9.08
C MSE E 199 29.55 -36.31 10.34
O MSE E 199 28.90 -35.32 10.68
CB MSE E 199 28.22 -38.26 9.44
CG MSE E 199 27.47 -38.83 8.25
SE MSE E 199 26.32 -40.28 8.78
CE MSE E 199 25.51 -40.66 7.04
N ARG E 200 30.62 -36.78 11.04
CA ARG E 200 31.16 -36.11 12.24
C ARG E 200 31.75 -34.74 11.91
N ARG E 201 32.25 -34.55 10.68
CA ARG E 201 32.80 -33.28 10.18
C ARG E 201 31.67 -32.26 10.04
N VAL E 202 30.48 -32.72 9.60
CA VAL E 202 29.28 -31.87 9.46
C VAL E 202 28.75 -31.52 10.85
N ILE E 203 28.76 -32.50 11.80
CA ILE E 203 28.34 -32.29 13.19
C ILE E 203 29.21 -31.21 13.85
N GLU E 204 30.54 -31.26 13.63
CA GLU E 204 31.47 -30.26 14.16
C GLU E 204 31.20 -28.88 13.55
N GLN E 205 30.98 -28.83 12.21
CA GLN E 205 30.66 -27.60 11.48
C GLN E 205 29.37 -26.95 12.04
N VAL E 206 28.33 -27.78 12.27
CA VAL E 206 27.04 -27.34 12.82
C VAL E 206 27.22 -26.70 14.20
N ILE E 207 27.99 -27.37 15.10
CA ILE E 207 28.26 -26.87 16.45
C ILE E 207 29.09 -25.56 16.40
N ASP E 208 30.09 -25.48 15.47
CA ASP E 208 30.91 -24.27 15.29
C ASP E 208 30.05 -23.06 14.94
N ILE E 209 29.05 -23.24 14.04
CA ILE E 209 28.14 -22.16 13.65
C ILE E 209 27.31 -21.69 14.85
N LEU E 210 26.73 -22.64 15.60
CA LEU E 210 25.91 -22.35 16.78
C LEU E 210 26.76 -21.73 17.91
N GLU E 211 28.03 -22.18 18.05
CA GLU E 211 28.95 -21.66 19.07
C GLU E 211 29.32 -20.21 18.80
N ARG E 212 29.74 -19.88 17.56
CA ARG E 212 30.09 -18.50 17.17
C ARG E 212 28.87 -17.58 17.30
N GLY E 213 27.68 -18.11 16.97
CA GLY E 213 26.44 -17.34 17.01
C GLY E 213 25.88 -17.08 18.40
N MSE E 214 26.19 -17.96 19.38
CA MSE E 214 25.61 -17.85 20.74
C MSE E 214 26.62 -17.51 21.85
O MSE E 214 26.23 -16.85 22.82
CB MSE E 214 24.84 -19.11 21.11
CG MSE E 214 23.66 -19.38 20.20
SE MSE E 214 22.79 -21.03 20.67
CE MSE E 214 21.66 -21.20 19.17
N ARG E 215 27.85 -18.02 21.77
CA ARG E 215 28.86 -17.76 22.81
C ARG E 215 29.28 -16.28 22.85
N ARG E 216 29.51 -15.75 24.06
CA ARG E 216 29.90 -14.35 24.22
C ARG E 216 31.37 -14.11 23.85
N ARG E 217 31.65 -12.94 23.25
CA ARG E 217 33.01 -12.58 22.86
C ARG E 217 33.74 -11.85 23.99
CL CL F . -28.11 -12.62 1.84
CL CL G . -11.72 46.85 -22.23
CL CL H . 8.25 17.45 -10.35
CL CL I . -5.05 -20.01 3.10
CL CL J . 14.03 -49.71 14.46
#